data_6N9Q
#
_entry.id   6N9Q
#
_cell.length_a   108.020
_cell.length_b   108.020
_cell.length_c   222.140
_cell.angle_alpha   90.00
_cell.angle_beta   90.00
_cell.angle_gamma   120.00
#
_symmetry.space_group_name_H-M   'H 3'
#
loop_
_entity.id
_entity.type
_entity.pdbx_description
1 polymer 'Lactonase GcL'
2 non-polymer 'COBALT (II) ION'
3 non-polymer 'SULFATE ION'
4 non-polymer N-[(3S)-2-oxotetrahydrofuran-3-yl]butanamide
5 non-polymer 1,2-ETHANEDIOL
6 non-polymer 'PENTAETHYLENE GLYCOL'
7 non-polymer 'FE (III) ION'
8 non-polymer 'ACETATE ION'
9 non-polymer 'TRIETHYLENE GLYCOL'
10 water water
#
_entity_poly.entity_id   1
_entity_poly.type   'polypeptide(L)'
_entity_poly.pdbx_seq_one_letter_code
;MANVIKARPKLYVMDNGRMRMDKNWMIAMHNPATIHNPNAQTEFVEFPIYTVLIDHPEGKILFDTSCNPNSMGPQGRWAE
STQQMFPWTATEECYLHNRLEQLKVRPEDIRYVVASHLHLDHAGCLEMFTNATIIVHEDEFNGALQCYARNQKEGAYIWA
DIDAWIKNNLQWRTVKRHEDNILLAEGVKVLNFGSGHAWGMLGLHVELPETGGIILASDAIYTAESYGPPIKPPGIIYDS
LGYMNTVERIRRIAQETKSQVWFGHDAEQFKKFRKSTEGYYE
;
_entity_poly.pdbx_strand_id   P,D
#
loop_
_chem_comp.id
_chem_comp.type
_chem_comp.name
_chem_comp.formula
1PE non-polymer 'PENTAETHYLENE GLYCOL' 'C10 H22 O6'
ACT non-polymer 'ACETATE ION' 'C2 H3 O2 -1'
CO non-polymer 'COBALT (II) ION' 'Co 2'
EDO non-polymer 1,2-ETHANEDIOL 'C2 H6 O2'
FE non-polymer 'FE (III) ION' 'Fe 3'
HL4 non-polymer N-[(3S)-2-oxotetrahydrofuran-3-yl]butanamide 'C8 H13 N O3'
PGE non-polymer 'TRIETHYLENE GLYCOL' 'C6 H14 O4'
SO4 non-polymer 'SULFATE ION' 'O4 S -2'
#
# COMPACT_ATOMS: atom_id res chain seq x y z
N LYS A 6 29.37 1.47 26.06
CA LYS A 6 29.04 0.53 27.16
C LYS A 6 28.55 -0.79 26.55
N ALA A 7 27.67 -0.68 25.54
CA ALA A 7 27.21 -1.82 24.75
C ALA A 7 28.36 -2.31 23.86
N ARG A 8 28.60 -3.62 23.87
CA ARG A 8 29.70 -4.22 23.13
C ARG A 8 29.14 -5.28 22.18
N PRO A 9 28.43 -4.87 21.11
CA PRO A 9 27.83 -5.81 20.18
C PRO A 9 28.85 -6.48 19.25
N LYS A 10 28.41 -7.54 18.56
CA LYS A 10 29.18 -8.18 17.50
C LYS A 10 28.36 -8.15 16.21
N LEU A 11 29.00 -7.71 15.12
CA LEU A 11 28.34 -7.59 13.83
C LEU A 11 28.91 -8.66 12.88
N TYR A 12 28.02 -9.46 12.31
CA TYR A 12 28.38 -10.57 11.44
C TYR A 12 27.94 -10.29 10.00
N VAL A 13 28.85 -10.55 9.05
CA VAL A 13 28.53 -10.56 7.63
C VAL A 13 28.32 -12.01 7.20
N MET A 14 27.11 -12.33 6.72
CA MET A 14 26.74 -13.69 6.35
C MET A 14 26.60 -13.80 4.83
N ASP A 15 27.34 -14.76 4.25
CA ASP A 15 27.38 -14.99 2.81
C ASP A 15 26.16 -15.83 2.40
N ASN A 16 25.30 -15.23 1.56
CA ASN A 16 24.02 -15.84 1.18
C ASN A 16 24.02 -16.16 -0.32
N GLY A 17 25.21 -16.31 -0.90
CA GLY A 17 25.37 -16.84 -2.25
C GLY A 17 25.70 -15.76 -3.26
N ARG A 18 25.53 -16.12 -4.54
CA ARG A 18 25.92 -15.28 -5.67
C ARG A 18 24.73 -15.12 -6.64
N MET A 19 24.67 -13.96 -7.30
CA MET A 19 23.69 -13.67 -8.32
C MET A 19 24.42 -13.15 -9.56
N ARG A 20 23.82 -13.38 -10.73
CA ARG A 20 24.31 -12.86 -12.00
C ARG A 20 23.19 -12.10 -12.69
N MET A 21 23.56 -11.07 -13.46
CA MET A 21 22.61 -10.30 -14.25
C MET A 21 23.36 -9.40 -15.24
N ASP A 22 22.60 -8.83 -16.17
CA ASP A 22 23.13 -7.90 -17.16
C ASP A 22 23.83 -6.75 -16.43
N LYS A 23 25.04 -6.44 -16.88
CA LYS A 23 25.88 -5.40 -16.29
C LYS A 23 25.15 -4.04 -16.41
N ASN A 24 24.22 -3.95 -17.37
CA ASN A 24 23.50 -2.71 -17.65
C ASN A 24 22.51 -2.41 -16.50
N TRP A 25 22.07 -3.46 -15.80
CA TRP A 25 21.24 -3.29 -14.61
C TRP A 25 22.03 -2.52 -13.54
N MET A 26 23.33 -2.86 -13.44
CA MET A 26 24.19 -2.40 -12.35
C MET A 26 24.74 -1.01 -12.67
N ILE A 27 25.24 -0.83 -13.91
CA ILE A 27 25.77 0.44 -14.37
C ILE A 27 25.10 0.79 -15.71
N ALA A 28 24.20 1.77 -15.67
CA ALA A 28 23.44 2.19 -16.84
C ALA A 28 24.39 2.57 -17.98
N MET A 29 24.10 2.05 -19.19
CA MET A 29 24.82 2.38 -20.41
C MET A 29 26.33 2.29 -20.16
N HIS A 30 26.78 1.15 -19.61
CA HIS A 30 28.18 0.96 -19.24
C HIS A 30 29.05 0.89 -20.49
N ASN A 31 28.48 0.39 -21.59
CA ASN A 31 29.22 0.20 -22.84
C ASN A 31 28.29 0.46 -24.03
N PRO A 32 27.98 1.74 -24.34
CA PRO A 32 27.05 2.08 -25.41
C PRO A 32 27.57 1.70 -26.81
N ALA A 33 26.64 1.36 -27.70
CA ALA A 33 26.94 1.09 -29.10
C ALA A 33 27.50 2.35 -29.75
N THR A 34 28.40 2.16 -30.72
CA THR A 34 28.97 3.26 -31.50
C THR A 34 28.92 2.89 -32.98
N ILE A 35 29.37 3.81 -33.83
CA ILE A 35 29.31 3.66 -35.27
C ILE A 35 30.25 2.51 -35.70
N HIS A 36 31.28 2.25 -34.88
CA HIS A 36 32.26 1.21 -35.16
C HIS A 36 31.88 -0.09 -34.42
N ASN A 37 31.03 0.03 -33.40
CA ASN A 37 30.56 -1.11 -32.62
C ASN A 37 29.04 -1.01 -32.45
N PRO A 38 28.27 -1.05 -33.56
CA PRO A 38 26.82 -0.82 -33.53
C PRO A 38 26.02 -1.89 -32.78
N ASN A 39 26.58 -3.10 -32.66
CA ASN A 39 25.92 -4.22 -32.01
C ASN A 39 26.66 -4.56 -30.71
N ALA A 40 27.02 -3.51 -29.97
CA ALA A 40 27.78 -3.64 -28.72
C ALA A 40 27.16 -4.77 -27.86
N GLN A 41 28.04 -5.59 -27.28
CA GLN A 41 27.65 -6.67 -26.40
C GLN A 41 27.78 -6.22 -24.95
N THR A 42 26.89 -6.73 -24.09
CA THR A 42 26.96 -6.51 -22.66
C THR A 42 27.66 -7.71 -22.01
N GLU A 43 27.60 -7.78 -20.67
CA GLU A 43 28.22 -8.84 -19.90
C GLU A 43 27.25 -9.33 -18.82
N PHE A 44 27.50 -10.54 -18.34
CA PHE A 44 26.68 -11.19 -17.32
C PHE A 44 27.51 -11.32 -16.04
N VAL A 45 27.52 -10.25 -15.23
CA VAL A 45 28.43 -10.10 -14.10
C VAL A 45 27.87 -10.84 -12.88
N GLU A 46 28.78 -11.37 -12.06
CA GLU A 46 28.45 -12.07 -10.82
C GLU A 46 28.73 -11.14 -9.64
N PHE A 47 27.89 -11.23 -8.60
CA PHE A 47 28.01 -10.38 -7.42
C PHE A 47 27.41 -11.10 -6.22
N PRO A 48 27.83 -10.73 -4.99
CA PRO A 48 27.36 -11.41 -3.78
C PRO A 48 26.02 -10.90 -3.23
N ILE A 49 25.26 -11.82 -2.64
CA ILE A 49 24.10 -11.52 -1.82
C ILE A 49 24.49 -11.80 -0.35
N TYR A 50 24.32 -10.81 0.52
CA TYR A 50 24.72 -10.96 1.91
C TYR A 50 23.75 -10.23 2.84
N THR A 51 23.78 -10.65 4.11
CA THR A 51 22.99 -10.09 5.18
C THR A 51 23.91 -9.77 6.36
N VAL A 52 23.42 -8.92 7.27
CA VAL A 52 24.21 -8.51 8.43
C VAL A 52 23.40 -8.76 9.70
N LEU A 53 24.00 -9.49 10.63
CA LEU A 53 23.45 -9.70 11.96
C LEU A 53 24.23 -8.86 12.97
N ILE A 54 23.51 -8.08 13.76
CA ILE A 54 24.09 -7.34 14.87
C ILE A 54 23.62 -7.99 16.17
N ASP A 55 24.52 -8.76 16.80
CA ASP A 55 24.26 -9.37 18.10
C ASP A 55 24.44 -8.29 19.17
N HIS A 56 23.33 -7.64 19.53
CA HIS A 56 23.33 -6.49 20.42
C HIS A 56 22.72 -6.90 21.76
N PRO A 57 23.27 -6.41 22.89
CA PRO A 57 22.74 -6.74 24.22
C PRO A 57 21.25 -6.38 24.36
N GLU A 58 20.80 -5.37 23.62
CA GLU A 58 19.41 -4.91 23.67
C GLU A 58 18.53 -5.82 22.79
N GLY A 59 19.17 -6.74 22.07
CA GLY A 59 18.47 -7.65 21.18
C GLY A 59 19.19 -7.80 19.85
N LYS A 60 18.83 -8.84 19.10
CA LYS A 60 19.49 -9.18 17.85
C LYS A 60 18.79 -8.47 16.70
N ILE A 61 19.60 -7.81 15.86
CA ILE A 61 19.13 -6.99 14.75
C ILE A 61 19.66 -7.61 13.45
N LEU A 62 18.74 -7.82 12.49
CA LEU A 62 19.06 -8.41 11.20
C LEU A 62 18.78 -7.38 10.11
N PHE A 63 19.78 -7.13 9.26
CA PHE A 63 19.64 -6.22 8.12
C PHE A 63 19.60 -7.04 6.84
N ASP A 64 18.43 -7.02 6.16
CA ASP A 64 18.17 -7.78 4.95
C ASP A 64 18.08 -9.28 5.30
N THR A 65 17.58 -10.09 4.36
CA THR A 65 17.28 -11.50 4.61
C THR A 65 17.54 -12.35 3.37
N SER A 66 18.27 -11.80 2.40
CA SER A 66 18.70 -12.53 1.20
C SER A 66 17.49 -13.10 0.46
N CYS A 67 17.71 -14.19 -0.29
CA CYS A 67 16.69 -14.83 -1.12
C CYS A 67 16.06 -16.01 -0.37
N ASN A 68 14.84 -16.39 -0.78
CA ASN A 68 14.15 -17.53 -0.23
C ASN A 68 14.77 -18.80 -0.79
N PRO A 69 14.97 -19.85 0.05
CA PRO A 69 15.53 -21.12 -0.41
C PRO A 69 14.75 -21.78 -1.56
N ASN A 70 13.44 -21.52 -1.65
N ASN A 70 13.45 -21.46 -1.65
CA ASN A 70 12.60 -22.11 -2.70
CA ASN A 70 12.54 -22.04 -2.63
C ASN A 70 12.36 -21.07 -3.80
C ASN A 70 12.35 -21.07 -3.81
N SER A 71 13.42 -20.32 -4.14
CA SER A 71 13.35 -19.28 -5.15
C SER A 71 13.54 -19.87 -6.55
N MET A 72 14.64 -20.60 -6.74
CA MET A 72 15.07 -21.07 -8.05
C MET A 72 14.51 -22.47 -8.30
N GLY A 73 14.56 -22.90 -9.56
CA GLY A 73 14.18 -24.25 -9.96
C GLY A 73 12.81 -24.29 -10.63
N PRO A 74 12.40 -25.45 -11.18
CA PRO A 74 11.12 -25.57 -11.89
C PRO A 74 9.91 -25.40 -10.96
N GLN A 75 10.07 -25.75 -9.69
N GLN A 75 10.09 -25.73 -9.69
CA GLN A 75 9.00 -25.61 -8.70
CA GLN A 75 9.05 -25.64 -8.66
C GLN A 75 9.36 -24.45 -7.75
C GLN A 75 9.33 -24.43 -7.77
N GLY A 76 10.13 -23.48 -8.28
CA GLY A 76 10.57 -22.31 -7.50
C GLY A 76 9.51 -21.21 -7.47
N ARG A 77 9.69 -20.27 -6.55
CA ARG A 77 8.78 -19.15 -6.34
C ARG A 77 8.99 -18.09 -7.42
N TRP A 78 10.23 -17.98 -7.92
CA TRP A 78 10.59 -17.00 -8.94
C TRP A 78 10.06 -17.43 -10.31
N ALA A 79 9.51 -16.47 -11.05
CA ALA A 79 9.08 -16.68 -12.42
C ALA A 79 10.29 -17.07 -13.28
N GLU A 80 10.02 -17.79 -14.37
CA GLU A 80 11.05 -18.35 -15.23
C GLU A 80 11.94 -17.21 -15.76
N SER A 81 11.31 -16.13 -16.21
CA SER A 81 12.01 -14.99 -16.80
C SER A 81 12.94 -14.37 -15.78
N THR A 82 12.50 -14.34 -14.51
CA THR A 82 13.28 -13.78 -13.41
C THR A 82 14.52 -14.66 -13.18
N GLN A 83 14.31 -15.98 -13.16
CA GLN A 83 15.37 -16.95 -12.89
C GLN A 83 16.46 -16.83 -13.97
N GLN A 84 16.05 -16.49 -15.19
CA GLN A 84 16.94 -16.48 -16.33
C GLN A 84 17.74 -15.17 -16.38
N MET A 85 17.15 -14.10 -15.84
CA MET A 85 17.74 -12.76 -15.90
C MET A 85 18.55 -12.47 -14.62
N PHE A 86 18.14 -13.09 -13.51
CA PHE A 86 18.73 -12.83 -12.20
C PHE A 86 19.00 -14.14 -11.47
N PRO A 87 19.70 -15.12 -12.10
CA PRO A 87 19.92 -16.43 -11.49
C PRO A 87 20.70 -16.33 -10.16
N TRP A 88 20.16 -16.98 -9.13
CA TRP A 88 20.77 -17.05 -7.81
C TRP A 88 21.32 -18.46 -7.57
N THR A 89 22.62 -18.53 -7.25
CA THR A 89 23.28 -19.80 -6.95
C THR A 89 23.79 -19.76 -5.50
N ALA A 90 23.51 -20.84 -4.76
CA ALA A 90 23.81 -20.89 -3.34
C ALA A 90 23.79 -22.35 -2.86
N THR A 91 24.85 -22.75 -2.17
CA THR A 91 24.90 -24.03 -1.46
C THR A 91 24.03 -23.91 -0.21
N GLU A 92 23.75 -25.06 0.42
CA GLU A 92 22.81 -25.13 1.54
C GLU A 92 23.31 -24.29 2.71
N GLU A 93 24.63 -24.19 2.85
N GLU A 93 24.63 -24.18 2.85
CA GLU A 93 25.28 -23.47 3.94
CA GLU A 93 25.24 -23.47 3.98
C GLU A 93 25.10 -21.96 3.76
C GLU A 93 25.13 -21.96 3.74
N CYS A 94 24.67 -21.57 2.56
CA CYS A 94 24.51 -20.16 2.20
C CYS A 94 23.10 -19.66 2.57
N TYR A 95 22.15 -20.58 2.73
CA TYR A 95 20.79 -20.22 3.15
C TYR A 95 20.85 -19.50 4.50
N LEU A 96 19.99 -18.50 4.66
CA LEU A 96 20.05 -17.60 5.81
C LEU A 96 19.82 -18.38 7.11
N HIS A 97 18.84 -19.30 7.09
N HIS A 97 18.87 -19.33 7.08
CA HIS A 97 18.47 -20.08 8.26
CA HIS A 97 18.47 -20.05 8.28
C HIS A 97 19.70 -20.84 8.78
C HIS A 97 19.63 -20.95 8.76
N ASN A 98 20.53 -21.31 7.84
CA ASN A 98 21.68 -22.14 8.17
C ASN A 98 22.83 -21.26 8.68
N ARG A 99 23.05 -20.12 8.02
CA ARG A 99 24.09 -19.16 8.42
C ARG A 99 23.82 -18.73 9.87
N LEU A 100 22.55 -18.56 10.21
CA LEU A 100 22.13 -18.14 11.55
C LEU A 100 22.34 -19.28 12.55
N GLU A 101 22.04 -20.51 12.11
CA GLU A 101 22.15 -21.70 12.95
C GLU A 101 23.60 -21.90 13.36
N GLN A 102 24.52 -21.70 12.41
CA GLN A 102 25.95 -21.87 12.63
C GLN A 102 26.43 -20.88 13.69
N LEU A 103 25.60 -19.87 14.00
CA LEU A 103 25.89 -18.90 15.04
C LEU A 103 25.00 -19.16 16.25
N LYS A 104 24.31 -20.31 16.24
CA LYS A 104 23.39 -20.70 17.30
C LYS A 104 22.31 -19.63 17.46
N VAL A 105 21.85 -19.07 16.34
CA VAL A 105 20.77 -18.09 16.32
C VAL A 105 19.57 -18.71 15.60
N ARG A 106 18.45 -18.81 16.31
CA ARG A 106 17.18 -19.23 15.74
C ARG A 106 16.42 -18.01 15.27
N PRO A 107 15.61 -18.12 14.19
CA PRO A 107 14.81 -16.99 13.71
C PRO A 107 14.01 -16.29 14.83
N GLU A 108 13.54 -17.06 15.80
N GLU A 108 13.54 -17.07 15.80
CA GLU A 108 12.70 -16.56 16.88
CA GLU A 108 12.70 -16.57 16.89
C GLU A 108 13.53 -15.68 17.82
C GLU A 108 13.53 -15.71 17.85
N ASP A 109 14.85 -15.69 17.63
CA ASP A 109 15.77 -14.96 18.49
C ASP A 109 15.97 -13.52 17.99
N ILE A 110 15.48 -13.24 16.77
CA ILE A 110 15.65 -11.92 16.15
C ILE A 110 14.54 -10.99 16.67
N ARG A 111 14.95 -9.86 17.23
CA ARG A 111 14.04 -8.85 17.76
C ARG A 111 13.61 -7.91 16.62
N TYR A 112 14.58 -7.49 15.82
CA TYR A 112 14.34 -6.54 14.74
C TYR A 112 14.93 -7.05 13.42
N VAL A 113 14.12 -6.94 12.36
CA VAL A 113 14.56 -7.11 10.99
C VAL A 113 14.38 -5.77 10.28
N VAL A 114 15.48 -5.25 9.71
CA VAL A 114 15.43 -4.05 8.87
C VAL A 114 15.49 -4.48 7.41
N ALA A 115 14.40 -4.23 6.69
CA ALA A 115 14.32 -4.52 5.26
C ALA A 115 14.72 -3.27 4.47
N SER A 116 15.98 -3.23 4.02
CA SER A 116 16.48 -2.13 3.21
C SER A 116 15.44 -1.79 2.14
N HIS A 117 14.94 -2.85 1.49
CA HIS A 117 13.80 -2.78 0.58
C HIS A 117 13.29 -4.20 0.37
N LEU A 118 12.28 -4.37 -0.49
CA LEU A 118 11.56 -5.64 -0.57
C LEU A 118 11.78 -6.32 -1.92
N HIS A 119 12.95 -6.09 -2.53
CA HIS A 119 13.36 -6.81 -3.73
C HIS A 119 13.61 -8.28 -3.38
N LEU A 120 13.65 -9.12 -4.40
CA LEU A 120 13.65 -10.59 -4.25
C LEU A 120 14.91 -11.06 -3.51
N ASP A 121 15.97 -10.23 -3.53
CA ASP A 121 17.27 -10.64 -3.02
C ASP A 121 17.56 -9.99 -1.66
N HIS A 122 16.54 -9.40 -1.04
CA HIS A 122 16.70 -8.74 0.26
C HIS A 122 15.58 -9.14 1.23
N ALA A 123 14.43 -9.54 0.70
CA ALA A 123 13.23 -9.81 1.52
C ALA A 123 12.81 -11.28 1.39
N GLY A 124 13.72 -12.11 0.85
CA GLY A 124 13.45 -13.51 0.56
C GLY A 124 12.95 -14.29 1.77
N CYS A 125 13.50 -14.00 2.96
CA CYS A 125 13.31 -14.87 4.13
C CYS A 125 12.64 -14.13 5.29
N LEU A 126 11.97 -13.01 5.00
CA LEU A 126 11.26 -12.23 6.03
C LEU A 126 10.31 -13.15 6.80
N GLU A 127 9.74 -14.14 6.11
CA GLU A 127 8.62 -14.94 6.62
C GLU A 127 9.06 -15.81 7.80
N MET A 128 10.38 -15.92 8.01
CA MET A 128 10.94 -16.76 9.08
C MET A 128 10.80 -16.06 10.42
N PHE A 129 10.86 -14.72 10.41
CA PHE A 129 11.04 -13.93 11.61
C PHE A 129 9.68 -13.46 12.14
N THR A 130 8.94 -14.42 12.69
CA THR A 130 7.57 -14.23 13.16
C THR A 130 7.58 -13.65 14.59
N ASN A 131 8.76 -13.59 15.20
CA ASN A 131 8.89 -13.13 16.59
C ASN A 131 9.55 -11.74 16.61
N ALA A 132 9.77 -11.16 15.43
CA ALA A 132 10.46 -9.89 15.29
C ALA A 132 9.49 -8.78 14.87
N THR A 133 9.93 -7.54 15.02
CA THR A 133 9.31 -6.39 14.37
C THR A 133 10.06 -6.11 13.06
N ILE A 134 9.33 -6.20 11.94
CA ILE A 134 9.91 -5.98 10.63
C ILE A 134 9.82 -4.49 10.31
N ILE A 135 10.98 -3.84 10.20
CA ILE A 135 11.07 -2.41 9.91
C ILE A 135 11.30 -2.24 8.40
N VAL A 136 10.38 -1.50 7.77
CA VAL A 136 10.36 -1.32 6.34
C VAL A 136 9.83 0.09 6.02
N HIS A 137 10.26 0.64 4.88
CA HIS A 137 9.76 1.92 4.42
C HIS A 137 8.30 1.76 3.98
N GLU A 138 7.45 2.71 4.39
N GLU A 138 7.45 2.69 4.43
CA GLU A 138 6.01 2.60 4.18
CA GLU A 138 6.02 2.67 4.18
C GLU A 138 5.72 2.59 2.67
C GLU A 138 5.76 2.55 2.67
N ASP A 139 6.50 3.35 1.90
CA ASP A 139 6.29 3.45 0.44
C ASP A 139 6.67 2.12 -0.23
N GLU A 140 7.72 1.47 0.28
CA GLU A 140 8.20 0.20 -0.26
C GLU A 140 7.15 -0.88 0.03
N PHE A 141 6.67 -0.90 1.27
CA PHE A 141 5.65 -1.85 1.73
C PHE A 141 4.40 -1.69 0.86
N ASN A 142 3.91 -0.45 0.74
CA ASN A 142 2.74 -0.15 -0.07
C ASN A 142 2.95 -0.66 -1.50
N GLY A 143 4.13 -0.37 -2.05
CA GLY A 143 4.49 -0.75 -3.41
C GLY A 143 4.39 -2.24 -3.61
N ALA A 144 4.94 -3.01 -2.65
CA ALA A 144 5.01 -4.45 -2.74
C ALA A 144 3.60 -5.05 -2.62
N LEU A 145 2.80 -4.48 -1.72
CA LEU A 145 1.45 -4.98 -1.45
C LEU A 145 0.56 -4.78 -2.69
N GLN A 146 0.88 -3.77 -3.50
CA GLN A 146 0.12 -3.49 -4.72
C GLN A 146 0.47 -4.54 -5.79
N CYS A 147 1.76 -4.86 -5.91
CA CYS A 147 2.22 -5.91 -6.81
C CYS A 147 1.45 -7.20 -6.52
N TYR A 148 1.27 -7.48 -5.21
CA TYR A 148 0.58 -8.66 -4.74
C TYR A 148 -0.90 -8.61 -5.14
N ALA A 149 -1.53 -7.46 -4.83
CA ALA A 149 -2.96 -7.26 -5.04
C ALA A 149 -3.29 -7.33 -6.53
N ARG A 150 -2.33 -6.93 -7.37
CA ARG A 150 -2.50 -6.87 -8.82
C ARG A 150 -2.03 -8.18 -9.46
N ASN A 151 -1.61 -9.14 -8.62
CA ASN A 151 -1.23 -10.47 -9.08
C ASN A 151 -0.10 -10.35 -10.12
N GLN A 152 0.86 -9.46 -9.85
CA GLN A 152 2.08 -9.37 -10.65
C GLN A 152 2.98 -10.57 -10.31
N LYS A 153 3.23 -11.42 -11.31
CA LYS A 153 3.91 -12.69 -11.11
C LYS A 153 5.37 -12.59 -11.58
N GLU A 154 5.68 -11.54 -12.33
CA GLU A 154 7.05 -11.25 -12.76
C GLU A 154 7.52 -9.96 -12.06
N GLY A 155 8.79 -9.62 -12.27
CA GLY A 155 9.40 -8.45 -11.65
C GLY A 155 10.22 -8.81 -10.43
N ALA A 156 10.64 -7.77 -9.68
CA ALA A 156 11.60 -7.91 -8.60
C ALA A 156 10.89 -8.14 -7.26
N TYR A 157 9.56 -8.17 -7.29
CA TYR A 157 8.75 -8.39 -6.10
C TYR A 157 8.02 -9.74 -6.26
N ILE A 158 8.41 -10.70 -5.42
CA ILE A 158 8.00 -12.10 -5.54
C ILE A 158 6.65 -12.31 -4.86
N TRP A 159 5.64 -12.66 -5.66
CA TRP A 159 4.27 -12.82 -5.21
C TRP A 159 4.20 -13.82 -4.04
N ALA A 160 4.87 -14.96 -4.21
CA ALA A 160 4.82 -16.07 -3.26
C ALA A 160 5.45 -15.65 -1.92
N ASP A 161 6.49 -14.80 -1.99
CA ASP A 161 7.17 -14.32 -0.80
C ASP A 161 6.20 -13.44 0.01
N ILE A 162 5.57 -12.48 -0.67
CA ILE A 162 4.63 -11.56 -0.03
C ILE A 162 3.48 -12.39 0.56
N ASP A 163 3.01 -13.36 -0.21
CA ASP A 163 1.95 -14.27 0.22
C ASP A 163 2.30 -14.83 1.60
N ALA A 164 3.54 -15.29 1.76
CA ALA A 164 3.99 -15.97 2.97
C ALA A 164 4.08 -14.97 4.13
N TRP A 165 4.52 -13.74 3.85
CA TRP A 165 4.63 -12.71 4.88
C TRP A 165 3.26 -12.57 5.58
N ILE A 166 2.20 -12.54 4.77
CA ILE A 166 0.85 -12.27 5.23
C ILE A 166 0.32 -13.48 6.01
N LYS A 167 0.55 -14.68 5.46
CA LYS A 167 0.07 -15.91 6.07
C LYS A 167 0.78 -16.15 7.41
N ASN A 168 2.05 -15.71 7.50
CA ASN A 168 2.88 -15.95 8.68
C ASN A 168 2.68 -14.83 9.71
N ASN A 169 1.84 -13.85 9.35
CA ASN A 169 1.38 -12.83 10.29
C ASN A 169 2.56 -12.05 10.87
N LEU A 170 3.47 -11.59 9.99
CA LEU A 170 4.61 -10.77 10.42
C LEU A 170 4.08 -9.47 11.05
N GLN A 171 4.88 -8.91 11.96
CA GLN A 171 4.56 -7.66 12.65
C GLN A 171 5.40 -6.53 12.03
N TRP A 172 4.71 -5.56 11.42
CA TRP A 172 5.34 -4.53 10.61
C TRP A 172 5.41 -3.20 11.39
N ARG A 173 6.55 -2.51 11.23
CA ARG A 173 6.71 -1.14 11.64
C ARG A 173 7.22 -0.35 10.42
N THR A 174 6.31 0.39 9.78
CA THR A 174 6.63 1.14 8.58
C THR A 174 7.30 2.46 8.98
N VAL A 175 8.37 2.79 8.26
CA VAL A 175 9.03 4.07 8.38
C VAL A 175 8.32 5.06 7.44
N LYS A 176 7.73 6.11 8.02
CA LYS A 176 6.94 7.08 7.27
C LYS A 176 7.88 7.89 6.35
N ARG A 177 7.32 8.39 5.25
CA ARG A 177 8.07 9.04 4.19
C ARG A 177 8.99 10.13 4.77
N HIS A 178 8.46 10.93 5.71
CA HIS A 178 9.17 12.07 6.24
C HIS A 178 9.57 11.84 7.71
N GLU A 179 9.73 10.57 8.09
CA GLU A 179 10.10 10.21 9.44
C GLU A 179 11.61 10.33 9.61
N ASP A 180 12.02 10.87 10.77
CA ASP A 180 13.42 11.01 11.15
C ASP A 180 14.06 9.61 11.21
N ASN A 181 15.39 9.60 11.23
CA ASN A 181 16.16 8.39 11.48
C ASN A 181 15.70 7.80 12.83
N ILE A 182 15.75 6.47 12.93
CA ILE A 182 15.23 5.76 14.10
C ILE A 182 16.41 5.13 14.87
N LEU A 183 16.54 5.49 16.14
CA LEU A 183 17.49 4.84 17.04
C LEU A 183 16.90 3.50 17.48
N LEU A 184 17.44 2.42 16.91
CA LEU A 184 16.97 1.07 17.14
C LEU A 184 17.56 0.53 18.44
N ALA A 185 18.79 0.96 18.72
CA ALA A 185 19.53 0.58 19.93
C ALA A 185 20.80 1.42 20.01
N GLU A 186 21.51 1.33 21.14
CA GLU A 186 22.75 2.06 21.34
C GLU A 186 23.68 1.80 20.15
N GLY A 187 23.98 2.86 19.39
CA GLY A 187 24.95 2.82 18.30
C GLY A 187 24.38 2.22 17.02
N VAL A 188 23.06 2.00 16.99
CA VAL A 188 22.39 1.45 15.82
C VAL A 188 21.23 2.37 15.43
N LYS A 189 21.32 2.92 14.20
CA LYS A 189 20.36 3.89 13.71
C LYS A 189 19.88 3.46 12.31
N VAL A 190 18.56 3.43 12.13
CA VAL A 190 17.94 3.20 10.83
C VAL A 190 17.89 4.52 10.06
N LEU A 191 18.48 4.53 8.86
CA LEU A 191 18.53 5.71 8.01
C LEU A 191 17.40 5.65 6.99
N ASN A 192 16.58 6.70 6.94
CA ASN A 192 15.49 6.83 5.99
C ASN A 192 16.02 7.51 4.72
N PHE A 193 16.39 6.69 3.72
CA PHE A 193 16.92 7.18 2.47
C PHE A 193 15.78 7.63 1.56
N GLY A 194 14.62 7.00 1.72
CA GLY A 194 13.44 7.28 0.90
C GLY A 194 13.58 6.68 -0.50
N SER A 195 12.87 7.27 -1.45
CA SER A 195 12.77 6.78 -2.82
C SER A 195 14.10 6.97 -3.55
N GLY A 196 14.45 6.00 -4.40
CA GLY A 196 15.65 6.03 -5.21
C GLY A 196 15.75 4.78 -6.08
N HIS A 197 16.59 3.84 -5.64
CA HIS A 197 16.70 2.53 -6.26
C HIS A 197 15.31 1.89 -6.36
N ALA A 198 14.58 1.91 -5.24
CA ALA A 198 13.22 1.39 -5.15
C ALA A 198 12.31 2.46 -4.55
N TRP A 199 11.07 2.07 -4.23
CA TRP A 199 10.06 2.99 -3.72
C TRP A 199 10.53 3.62 -2.39
N GLY A 200 11.11 2.78 -1.52
CA GLY A 200 11.54 3.20 -0.19
C GLY A 200 12.73 2.42 0.31
N MET A 201 13.87 3.11 0.46
CA MET A 201 15.12 2.49 0.86
C MET A 201 15.42 2.84 2.33
N LEU A 202 15.82 1.82 3.10
CA LEU A 202 16.32 2.01 4.45
C LEU A 202 17.80 1.60 4.49
N GLY A 203 18.59 2.37 5.23
CA GLY A 203 19.96 2.04 5.54
C GLY A 203 20.15 1.87 7.02
N LEU A 204 21.37 1.51 7.43
CA LEU A 204 21.73 1.37 8.82
C LEU A 204 23.05 2.09 9.08
N HIS A 205 23.10 2.85 10.17
CA HIS A 205 24.36 3.35 10.70
C HIS A 205 24.66 2.64 12.02
N VAL A 206 25.79 1.95 12.06
CA VAL A 206 26.24 1.22 13.23
C VAL A 206 27.53 1.87 13.75
N GLU A 207 27.56 2.17 15.04
CA GLU A 207 28.74 2.69 15.71
C GLU A 207 29.31 1.58 16.62
N LEU A 208 30.44 1.01 16.19
CA LEU A 208 31.11 -0.07 16.92
C LEU A 208 32.27 0.49 17.74
N PRO A 209 32.35 0.18 19.04
CA PRO A 209 33.43 0.65 19.90
C PRO A 209 34.85 0.53 19.31
N GLU A 210 35.14 -0.64 18.70
N GLU A 210 35.12 -0.62 18.68
CA GLU A 210 36.47 -0.96 18.20
CA GLU A 210 36.47 -0.95 18.22
C GLU A 210 36.60 -0.57 16.73
C GLU A 210 36.62 -0.62 16.73
N THR A 211 35.58 -0.95 15.93
CA THR A 211 35.65 -0.81 14.48
C THR A 211 35.27 0.62 14.05
N GLY A 212 34.41 1.27 14.84
CA GLY A 212 33.93 2.61 14.54
C GLY A 212 32.64 2.58 13.73
N GLY A 213 32.49 3.57 12.84
CA GLY A 213 31.25 3.78 12.10
C GLY A 213 31.17 2.94 10.83
N ILE A 214 29.99 2.34 10.62
CA ILE A 214 29.69 1.57 9.42
C ILE A 214 28.30 1.98 8.91
N ILE A 215 28.22 2.28 7.61
CA ILE A 215 26.96 2.54 6.94
C ILE A 215 26.64 1.36 6.03
N LEU A 216 25.48 0.73 6.27
CA LEU A 216 24.94 -0.29 5.38
C LEU A 216 24.02 0.40 4.36
N ALA A 217 24.52 0.52 3.13
CA ALA A 217 23.86 1.28 2.08
C ALA A 217 22.85 0.40 1.33
N SER A 218 23.09 -0.91 1.32
CA SER A 218 22.33 -1.84 0.50
C SER A 218 22.33 -1.35 -0.95
N ASP A 219 21.18 -1.40 -1.62
CA ASP A 219 21.08 -1.15 -3.05
C ASP A 219 20.98 0.37 -3.33
N ALA A 220 21.16 1.19 -2.28
CA ALA A 220 21.31 2.62 -2.46
C ALA A 220 22.62 2.86 -3.24
N ILE A 221 23.58 1.97 -3.04
CA ILE A 221 24.86 1.97 -3.76
C ILE A 221 25.24 0.51 -4.05
N TYR A 222 25.16 0.13 -5.33
CA TYR A 222 25.47 -1.23 -5.76
C TYR A 222 26.93 -1.57 -5.45
N THR A 223 27.84 -0.71 -5.92
CA THR A 223 29.28 -1.00 -5.90
C THR A 223 30.09 0.30 -5.80
N ALA A 224 31.40 0.15 -5.66
CA ALA A 224 32.34 1.25 -5.57
C ALA A 224 32.31 2.06 -6.87
N GLU A 225 31.97 1.39 -7.96
CA GLU A 225 31.89 2.01 -9.28
C GLU A 225 30.67 2.94 -9.32
N SER A 226 29.56 2.48 -8.73
CA SER A 226 28.35 3.28 -8.58
C SER A 226 28.68 4.55 -7.77
N TYR A 227 29.50 4.36 -6.73
CA TYR A 227 29.76 5.35 -5.70
C TYR A 227 30.64 6.48 -6.27
N GLY A 228 31.58 6.12 -7.15
CA GLY A 228 32.53 7.07 -7.72
C GLY A 228 33.33 7.76 -6.62
N PRO A 229 33.38 9.10 -6.68
CA PRO A 229 32.72 9.87 -7.73
C PRO A 229 33.50 9.80 -9.04
N PRO A 230 32.81 10.11 -10.16
CA PRO A 230 31.42 10.52 -10.13
C PRO A 230 30.45 9.33 -9.99
N ILE A 231 29.18 9.63 -9.74
CA ILE A 231 28.15 8.61 -9.52
C ILE A 231 27.80 7.97 -10.87
N LYS A 232 27.77 6.63 -10.88
CA LYS A 232 27.33 5.86 -12.02
C LYS A 232 26.06 5.11 -11.64
N PRO A 233 24.88 5.64 -12.00
CA PRO A 233 23.60 5.06 -11.56
C PRO A 233 23.25 3.74 -12.23
N PRO A 234 22.36 2.94 -11.61
CA PRO A 234 21.94 1.65 -12.18
C PRO A 234 21.04 1.79 -13.42
N GLY A 235 20.83 0.67 -14.11
CA GLY A 235 20.12 0.61 -15.38
C GLY A 235 18.67 1.05 -15.26
N ILE A 236 17.95 0.44 -14.31
CA ILE A 236 16.58 0.85 -14.01
C ILE A 236 16.56 1.43 -12.59
N ILE A 237 15.89 2.58 -12.49
CA ILE A 237 15.79 3.36 -11.27
C ILE A 237 14.32 3.76 -11.11
N TYR A 238 13.83 3.79 -9.87
CA TYR A 238 12.48 4.29 -9.64
C TYR A 238 12.50 5.82 -9.58
N ASP A 239 13.40 6.37 -8.73
CA ASP A 239 13.50 7.81 -8.50
C ASP A 239 14.97 8.23 -8.68
N SER A 240 15.31 8.67 -9.90
CA SER A 240 16.68 9.02 -10.26
C SER A 240 17.19 10.17 -9.38
N LEU A 241 16.38 11.21 -9.22
CA LEU A 241 16.74 12.36 -8.39
C LEU A 241 16.98 11.89 -6.95
N GLY A 242 16.03 11.12 -6.42
CA GLY A 242 16.14 10.56 -5.08
C GLY A 242 17.39 9.71 -4.91
N TYR A 243 17.72 8.95 -5.97
CA TYR A 243 18.88 8.05 -5.94
C TYR A 243 20.16 8.86 -5.78
N MET A 244 20.33 9.89 -6.63
CA MET A 244 21.54 10.70 -6.66
C MET A 244 21.72 11.40 -5.30
N ASN A 245 20.63 11.96 -4.76
CA ASN A 245 20.65 12.68 -3.49
C ASN A 245 21.09 11.73 -2.37
N THR A 246 20.56 10.50 -2.39
CA THR A 246 20.82 9.51 -1.36
C THR A 246 22.31 9.17 -1.34
N VAL A 247 22.89 8.96 -2.53
CA VAL A 247 24.29 8.61 -2.66
C VAL A 247 25.16 9.70 -2.03
N GLU A 248 24.88 10.95 -2.38
CA GLU A 248 25.65 12.09 -1.92
C GLU A 248 25.39 12.31 -0.42
N ARG A 249 24.19 11.95 0.04
CA ARG A 249 23.85 12.03 1.46
C ARG A 249 24.71 11.03 2.23
N ILE A 250 24.88 9.84 1.65
CA ILE A 250 25.65 8.76 2.26
C ILE A 250 27.13 9.17 2.31
N ARG A 251 27.61 9.80 1.24
CA ARG A 251 29.00 10.27 1.16
C ARG A 251 29.25 11.28 2.28
N ARG A 252 28.29 12.20 2.46
CA ARG A 252 28.41 13.27 3.45
C ARG A 252 28.49 12.67 4.85
N ILE A 253 27.54 11.79 5.17
CA ILE A 253 27.47 11.13 6.47
C ILE A 253 28.77 10.37 6.71
N ALA A 254 29.26 9.69 5.66
CA ALA A 254 30.49 8.90 5.74
C ALA A 254 31.66 9.80 6.16
N GLN A 255 31.71 11.00 5.56
CA GLN A 255 32.80 11.94 5.76
C GLN A 255 32.67 12.59 7.15
N GLU A 256 31.44 12.86 7.56
CA GLU A 256 31.16 13.61 8.79
C GLU A 256 31.34 12.73 10.03
N THR A 257 31.20 11.40 9.84
CA THR A 257 31.22 10.46 10.97
C THR A 257 32.38 9.49 10.85
N LYS A 258 33.21 9.67 9.82
CA LYS A 258 34.37 8.81 9.59
C LYS A 258 33.93 7.35 9.55
N SER A 259 32.92 7.06 8.71
CA SER A 259 32.35 5.72 8.60
C SER A 259 32.75 5.07 7.28
N GLN A 260 32.91 3.74 7.30
CA GLN A 260 33.02 2.95 6.09
C GLN A 260 31.64 2.83 5.45
N VAL A 261 31.61 2.71 4.12
CA VAL A 261 30.37 2.50 3.39
C VAL A 261 30.38 1.09 2.80
N TRP A 262 29.46 0.25 3.28
CA TRP A 262 29.30 -1.11 2.81
C TRP A 262 28.23 -1.16 1.71
N PHE A 263 28.68 -1.38 0.48
CA PHE A 263 27.82 -1.40 -0.69
C PHE A 263 26.99 -2.68 -0.70
N GLY A 264 25.96 -2.71 -1.55
CA GLY A 264 24.99 -3.79 -1.59
C GLY A 264 25.54 -5.07 -2.21
N HIS A 265 26.25 -4.91 -3.33
CA HIS A 265 26.66 -6.06 -4.14
C HIS A 265 28.03 -5.80 -4.80
N ASP A 266 29.03 -5.46 -3.98
CA ASP A 266 30.38 -5.22 -4.48
C ASP A 266 31.24 -6.46 -4.22
N ALA A 267 31.62 -7.14 -5.30
CA ALA A 267 32.39 -8.38 -5.26
C ALA A 267 33.73 -8.15 -4.55
N GLU A 268 34.44 -7.10 -4.96
CA GLU A 268 35.76 -6.79 -4.42
C GLU A 268 35.65 -6.51 -2.91
N GLN A 269 34.75 -5.60 -2.55
CA GLN A 269 34.57 -5.20 -1.16
C GLN A 269 34.21 -6.43 -0.32
N PHE A 270 33.30 -7.26 -0.84
CA PHE A 270 32.78 -8.41 -0.13
C PHE A 270 33.91 -9.42 0.12
N LYS A 271 34.83 -9.53 -0.84
CA LYS A 271 36.01 -10.39 -0.73
C LYS A 271 36.75 -10.07 0.58
N LYS A 272 36.80 -8.78 0.92
CA LYS A 272 37.67 -8.28 1.99
C LYS A 272 36.96 -8.32 3.34
N PHE A 273 35.63 -8.54 3.33
CA PHE A 273 34.86 -8.65 4.56
C PHE A 273 35.29 -9.91 5.32
N ARG A 274 35.26 -9.81 6.66
CA ARG A 274 35.39 -10.95 7.55
C ARG A 274 33.98 -11.53 7.77
N LYS A 275 33.74 -12.72 7.22
CA LYS A 275 32.40 -13.33 7.21
C LYS A 275 32.17 -14.13 8.49
N SER A 276 30.96 -14.67 8.62
CA SER A 276 30.47 -15.30 9.85
C SER A 276 31.23 -16.60 10.13
N THR A 277 31.95 -17.11 9.13
CA THR A 277 32.70 -18.36 9.26
C THR A 277 34.11 -18.08 9.78
N GLU A 278 34.46 -16.80 9.92
CA GLU A 278 35.80 -16.40 10.32
C GLU A 278 35.75 -15.47 11.54
N GLY A 279 34.64 -14.73 11.70
CA GLY A 279 34.46 -13.90 12.88
C GLY A 279 33.44 -12.80 12.68
N TYR A 280 33.73 -11.64 13.27
CA TYR A 280 32.77 -10.56 13.45
C TYR A 280 33.50 -9.23 13.59
N TYR A 281 32.71 -8.15 13.67
CA TYR A 281 33.23 -6.81 13.94
C TYR A 281 32.69 -6.33 15.28
N GLU A 282 33.59 -5.87 16.15
N GLU A 282 33.71 -5.72 16.24
CA GLU A 282 33.25 -5.32 17.46
CA GLU A 282 33.31 -5.11 17.54
C GLU A 282 33.45 -3.80 17.43
C GLU A 282 33.57 -3.60 17.48
N LYS B 6 -23.86 14.01 -28.78
CA LYS B 6 -24.71 14.74 -27.79
C LYS B 6 -24.60 14.06 -26.43
N ALA B 7 -24.73 12.72 -26.44
CA ALA B 7 -24.59 11.89 -25.24
C ALA B 7 -25.78 12.11 -24.28
N ARG B 8 -26.64 11.10 -24.19
CA ARG B 8 -27.85 11.15 -23.36
C ARG B 8 -27.84 9.99 -22.37
N PRO B 9 -27.00 10.05 -21.31
CA PRO B 9 -26.95 8.98 -20.31
C PRO B 9 -28.14 8.99 -19.35
N LYS B 10 -28.33 7.87 -18.64
CA LYS B 10 -29.30 7.76 -17.57
C LYS B 10 -28.57 7.41 -16.27
N LEU B 11 -28.87 8.15 -15.20
CA LEU B 11 -28.26 7.94 -13.89
C LEU B 11 -29.31 7.36 -12.93
N TYR B 12 -28.96 6.22 -12.33
CA TYR B 12 -29.85 5.48 -11.43
C TYR B 12 -29.32 5.55 -9.99
N VAL B 13 -30.24 5.75 -9.04
CA VAL B 13 -29.96 5.63 -7.62
C VAL B 13 -30.53 4.30 -7.13
N MET B 14 -29.65 3.44 -6.62
CA MET B 14 -30.02 2.09 -6.20
C MET B 14 -29.95 1.97 -4.67
N ASP B 15 -31.06 1.54 -4.07
CA ASP B 15 -31.21 1.41 -2.63
C ASP B 15 -30.61 0.07 -2.18
N ASN B 16 -29.57 0.14 -1.33
CA ASN B 16 -28.80 -1.02 -0.94
C ASN B 16 -28.94 -1.26 0.57
N GLY B 17 -30.05 -0.78 1.14
CA GLY B 17 -30.43 -1.10 2.51
C GLY B 17 -30.14 0.01 3.49
N ARG B 18 -30.13 -0.34 4.78
CA ARG B 18 -30.02 0.62 5.87
C ARG B 18 -28.95 0.16 6.86
N MET B 19 -28.28 1.14 7.49
CA MET B 19 -27.29 0.90 8.52
C MET B 19 -27.61 1.79 9.73
N ARG B 20 -27.21 1.32 10.91
CA ARG B 20 -27.34 2.07 12.15
C ARG B 20 -25.97 2.19 12.81
N MET B 21 -25.77 3.27 13.58
CA MET B 21 -24.54 3.47 14.33
C MET B 21 -24.71 4.66 15.28
N ASP B 22 -23.77 4.78 16.22
CA ASP B 22 -23.72 5.87 17.18
C ASP B 22 -23.71 7.20 16.40
N LYS B 23 -24.62 8.10 16.80
CA LYS B 23 -24.76 9.41 16.18
C LYS B 23 -23.44 10.17 16.24
N ASN B 24 -22.59 9.80 17.20
CA ASN B 24 -21.32 10.49 17.45
C ASN B 24 -20.33 10.19 16.31
N TRP B 25 -20.50 9.06 15.63
CA TRP B 25 -19.69 8.73 14.46
C TRP B 25 -19.97 9.76 13.36
N MET B 26 -21.24 10.15 13.24
CA MET B 26 -21.73 10.94 12.13
C MET B 26 -21.51 12.44 12.41
N ILE B 27 -21.83 12.87 13.63
CA ILE B 27 -21.64 14.24 14.07
C ILE B 27 -20.89 14.23 15.40
N ALA B 28 -19.60 14.59 15.35
CA ALA B 28 -18.72 14.58 16.51
C ALA B 28 -19.30 15.45 17.63
N MET B 29 -19.34 14.89 18.84
CA MET B 29 -19.75 15.60 20.05
C MET B 29 -21.09 16.30 19.81
N HIS B 30 -22.06 15.56 19.30
CA HIS B 30 -23.35 16.11 18.91
C HIS B 30 -24.15 16.53 20.16
N ASN B 31 -23.91 15.83 21.28
CA ASN B 31 -24.62 16.10 22.53
C ASN B 31 -23.69 15.88 23.71
N PRO B 32 -22.77 16.83 24.00
CA PRO B 32 -21.78 16.66 25.07
C PRO B 32 -22.39 16.65 26.47
N ALA B 33 -21.80 15.85 27.36
CA ALA B 33 -22.17 15.81 28.76
C ALA B 33 -21.97 17.19 29.38
N THR B 34 -22.84 17.55 30.33
CA THR B 34 -22.76 18.80 31.06
C THR B 34 -22.88 18.52 32.56
N ILE B 35 -22.79 19.58 33.36
CA ILE B 35 -22.81 19.48 34.82
C ILE B 35 -24.19 19.01 35.27
N HIS B 36 -25.22 19.29 34.46
CA HIS B 36 -26.61 18.91 34.77
C HIS B 36 -26.98 17.63 34.00
N ASN B 37 -26.10 17.20 33.09
CA ASN B 37 -26.31 15.98 32.31
C ASN B 37 -24.98 15.26 32.16
N PRO B 38 -24.35 14.84 33.28
CA PRO B 38 -23.00 14.27 33.27
C PRO B 38 -22.88 12.93 32.54
N ASN B 39 -23.98 12.18 32.47
CA ASN B 39 -24.00 10.86 31.84
C ASN B 39 -24.83 10.95 30.55
N ALA B 40 -24.58 12.01 29.76
CA ALA B 40 -25.30 12.27 28.53
C ALA B 40 -25.40 10.99 27.70
N GLN B 41 -26.58 10.74 27.14
CA GLN B 41 -26.85 9.60 26.29
C GLN B 41 -26.74 10.02 24.82
N THR B 42 -26.17 9.14 24.00
CA THR B 42 -26.17 9.30 22.56
C THR B 42 -27.40 8.59 22.00
N GLU B 43 -27.48 8.48 20.67
CA GLU B 43 -28.56 7.77 20.00
C GLU B 43 -27.98 6.91 18.87
N PHE B 44 -28.81 5.97 18.40
CA PHE B 44 -28.43 4.98 17.41
C PHE B 44 -29.23 5.22 16.13
N VAL B 45 -28.66 6.04 15.22
CA VAL B 45 -29.38 6.58 14.08
C VAL B 45 -29.29 5.62 12.89
N GLU B 46 -30.34 5.63 12.06
CA GLU B 46 -30.43 4.83 10.85
C GLU B 46 -30.24 5.74 9.63
N PHE B 47 -29.57 5.22 8.60
CA PHE B 47 -29.26 5.98 7.40
C PHE B 47 -29.12 5.04 6.21
N PRO B 48 -29.31 5.54 4.97
CA PRO B 48 -29.27 4.70 3.78
C PRO B 48 -27.85 4.40 3.25
N ILE B 49 -27.69 3.19 2.72
CA ILE B 49 -26.56 2.81 1.90
C ILE B 49 -27.05 2.73 0.45
N TYR B 50 -26.37 3.44 -0.46
CA TYR B 50 -26.81 3.48 -1.85
C TYR B 50 -25.62 3.58 -2.80
N THR B 51 -25.87 3.20 -4.04
CA THR B 51 -24.90 3.24 -5.13
C THR B 51 -25.55 3.97 -6.32
N VAL B 52 -24.72 4.40 -7.27
CA VAL B 52 -25.18 5.11 -8.45
C VAL B 52 -24.61 4.43 -9.70
N LEU B 53 -25.51 4.10 -10.63
CA LEU B 53 -25.15 3.60 -11.93
C LEU B 53 -25.40 4.71 -12.96
N ILE B 54 -24.38 4.98 -13.79
CA ILE B 54 -24.51 5.88 -14.91
C ILE B 54 -24.47 5.04 -16.19
N ASP B 55 -25.64 4.82 -16.79
CA ASP B 55 -25.75 4.13 -18.06
C ASP B 55 -25.35 5.13 -19.17
N HIS B 56 -24.05 5.11 -19.51
CA HIS B 56 -23.46 6.05 -20.45
C HIS B 56 -23.18 5.32 -21.77
N PRO B 57 -23.38 5.99 -22.93
CA PRO B 57 -23.11 5.37 -24.23
C PRO B 57 -21.64 4.92 -24.38
N GLU B 58 -20.74 5.55 -23.64
CA GLU B 58 -19.32 5.22 -23.67
C GLU B 58 -19.05 4.01 -22.76
N GLY B 59 -20.08 3.58 -22.04
CA GLY B 59 -19.98 2.46 -21.12
C GLY B 59 -20.64 2.75 -19.79
N LYS B 60 -20.95 1.69 -19.04
CA LYS B 60 -21.65 1.80 -17.76
C LYS B 60 -20.63 2.11 -16.66
N ILE B 61 -20.98 3.10 -15.83
CA ILE B 61 -20.14 3.57 -14.73
C ILE B 61 -20.89 3.36 -13.42
N LEU B 62 -20.20 2.74 -12.46
CA LEU B 62 -20.75 2.42 -11.15
C LEU B 62 -19.95 3.18 -10.07
N PHE B 63 -20.66 3.94 -9.24
CA PHE B 63 -20.08 4.68 -8.14
C PHE B 63 -20.45 4.00 -6.82
N ASP B 64 -19.44 3.45 -6.13
CA ASP B 64 -19.61 2.68 -4.89
C ASP B 64 -20.31 1.37 -5.20
N THR B 65 -20.26 0.42 -4.25
CA THR B 65 -20.75 -0.94 -4.47
C THR B 65 -21.42 -1.50 -3.21
N SER B 66 -21.73 -0.63 -2.25
CA SER B 66 -22.48 -0.99 -1.04
C SER B 66 -21.74 -2.10 -0.26
N CYS B 67 -22.50 -2.85 0.54
CA CYS B 67 -21.96 -3.91 1.40
C CYS B 67 -22.07 -5.27 0.71
N ASN B 68 -21.20 -6.20 1.10
CA ASN B 68 -21.22 -7.56 0.58
C ASN B 68 -22.45 -8.29 1.13
N PRO B 69 -23.14 -9.09 0.29
CA PRO B 69 -24.30 -9.88 0.74
C PRO B 69 -24.01 -10.74 1.98
N ASN B 70 -22.77 -11.23 2.09
CA ASN B 70 -22.38 -12.13 3.17
C ASN B 70 -21.57 -11.36 4.22
N SER B 71 -22.11 -10.23 4.66
CA SER B 71 -21.43 -9.35 5.62
C SER B 71 -21.88 -9.69 7.05
N MET B 72 -23.19 -9.77 7.24
CA MET B 72 -23.80 -9.88 8.57
C MET B 72 -24.07 -11.35 8.88
N GLY B 73 -24.30 -11.64 10.17
CA GLY B 73 -24.68 -12.96 10.64
C GLY B 73 -23.51 -13.71 11.27
N PRO B 74 -23.76 -14.93 11.79
CA PRO B 74 -22.72 -15.72 12.46
C PRO B 74 -21.58 -16.14 11.51
N GLN B 75 -21.93 -16.40 10.25
N GLN B 75 -21.92 -16.42 10.25
CA GLN B 75 -20.98 -16.85 9.23
CA GLN B 75 -20.96 -16.85 9.23
C GLN B 75 -20.59 -15.67 8.33
C GLN B 75 -20.61 -15.67 8.33
N GLY B 76 -20.84 -14.45 8.83
CA GLY B 76 -20.58 -13.22 8.07
C GLY B 76 -19.10 -12.89 7.99
N ARG B 77 -18.76 -11.99 7.06
CA ARG B 77 -17.39 -11.54 6.83
C ARG B 77 -17.01 -10.49 7.88
N TRP B 78 -18.01 -9.75 8.36
CA TRP B 78 -17.82 -8.68 9.35
C TRP B 78 -17.59 -9.28 10.73
N ALA B 79 -16.59 -8.76 11.45
CA ALA B 79 -16.34 -9.13 12.83
C ALA B 79 -17.57 -8.78 13.67
N GLU B 80 -17.75 -9.51 14.77
CA GLU B 80 -18.94 -9.39 15.62
C GLU B 80 -19.08 -7.96 16.12
N SER B 81 -17.95 -7.34 16.48
CA SER B 81 -17.93 -5.98 17.03
C SER B 81 -18.38 -4.98 15.95
N THR B 82 -18.01 -5.26 14.70
CA THR B 82 -18.40 -4.43 13.57
C THR B 82 -19.91 -4.51 13.37
N GLN B 83 -20.44 -5.74 13.45
CA GLN B 83 -21.86 -6.00 13.20
C GLN B 83 -22.72 -5.30 14.26
N GLN B 84 -22.20 -5.22 15.48
CA GLN B 84 -22.94 -4.71 16.62
C GLN B 84 -22.92 -3.18 16.61
N MET B 85 -21.84 -2.60 16.06
CA MET B 85 -21.63 -1.15 16.08
C MET B 85 -22.17 -0.52 14.79
N PHE B 86 -22.16 -1.29 13.70
CA PHE B 86 -22.53 -0.80 12.38
C PHE B 86 -23.44 -1.80 11.68
N PRO B 87 -24.54 -2.25 12.33
CA PRO B 87 -25.40 -3.28 11.75
C PRO B 87 -26.05 -2.84 10.43
N TRP B 88 -25.91 -3.69 9.40
CA TRP B 88 -26.50 -3.46 8.09
C TRP B 88 -27.72 -4.38 7.92
N THR B 89 -28.86 -3.77 7.58
CA THR B 89 -30.10 -4.50 7.30
C THR B 89 -30.52 -4.22 5.86
N ALA B 90 -30.85 -5.29 5.13
CA ALA B 90 -31.19 -5.20 3.73
C ALA B 90 -31.95 -6.46 3.29
N THR B 91 -33.08 -6.25 2.62
CA THR B 91 -33.82 -7.32 1.97
C THR B 91 -33.02 -7.77 0.74
N GLU B 92 -33.42 -8.91 0.17
CA GLU B 92 -32.68 -9.56 -0.90
C GLU B 92 -32.64 -8.65 -2.14
N GLU B 93 -33.69 -7.85 -2.31
CA GLU B 93 -33.84 -7.00 -3.49
C GLU B 93 -32.90 -5.79 -3.37
N CYS B 94 -32.30 -5.62 -2.20
CA CYS B 94 -31.43 -4.47 -1.91
C CYS B 94 -29.98 -4.79 -2.30
N TYR B 95 -29.63 -6.07 -2.37
CA TYR B 95 -28.29 -6.48 -2.78
C TYR B 95 -27.99 -5.88 -4.15
N LEU B 96 -26.75 -5.42 -4.33
CA LEU B 96 -26.34 -4.66 -5.50
C LEU B 96 -26.54 -5.49 -6.77
N HIS B 97 -26.21 -6.78 -6.68
N HIS B 97 -26.25 -6.80 -6.68
CA HIS B 97 -26.31 -7.71 -7.81
CA HIS B 97 -26.31 -7.68 -7.84
C HIS B 97 -27.77 -7.74 -8.31
C HIS B 97 -27.75 -7.86 -8.30
N ASN B 98 -28.71 -7.70 -7.37
CA ASN B 98 -30.13 -7.80 -7.68
C ASN B 98 -30.64 -6.47 -8.26
N ARG B 99 -30.18 -5.36 -7.68
CA ARG B 99 -30.58 -4.02 -8.12
C ARG B 99 -30.15 -3.83 -9.59
N LEU B 100 -28.97 -4.37 -9.93
CA LEU B 100 -28.42 -4.26 -11.27
C LEU B 100 -29.21 -5.17 -12.23
N GLU B 101 -29.57 -6.36 -11.74
CA GLU B 101 -30.30 -7.35 -12.53
C GLU B 101 -31.64 -6.75 -12.95
N GLN B 102 -32.30 -6.05 -12.02
CA GLN B 102 -33.62 -5.45 -12.24
C GLN B 102 -33.51 -4.40 -13.36
N LEU B 103 -32.30 -3.90 -13.61
CA LEU B 103 -32.06 -2.95 -14.69
C LEU B 103 -31.45 -3.70 -15.88
N LYS B 104 -31.45 -5.03 -15.79
CA LYS B 104 -30.87 -5.91 -16.81
C LYS B 104 -29.41 -5.54 -17.04
N VAL B 105 -28.68 -5.29 -15.94
CA VAL B 105 -27.26 -5.04 -15.99
C VAL B 105 -26.55 -6.18 -15.24
N ARG B 106 -25.69 -6.91 -15.95
CA ARG B 106 -24.82 -7.92 -15.36
C ARG B 106 -23.53 -7.23 -14.91
N PRO B 107 -22.88 -7.73 -13.84
CA PRO B 107 -21.62 -7.16 -13.38
C PRO B 107 -20.59 -6.97 -14.50
N GLU B 108 -20.57 -7.90 -15.46
CA GLU B 108 -19.57 -7.92 -16.53
C GLU B 108 -19.85 -6.80 -17.53
N ASP B 109 -20.97 -6.09 -17.37
CA ASP B 109 -21.37 -5.03 -18.28
C ASP B 109 -20.79 -3.69 -17.82
N ILE B 110 -20.26 -3.66 -16.60
CA ILE B 110 -19.70 -2.44 -16.01
C ILE B 110 -18.28 -2.23 -16.53
N ARG B 111 -18.05 -1.06 -17.12
CA ARG B 111 -16.75 -0.69 -17.68
C ARG B 111 -15.86 -0.10 -16.57
N TYR B 112 -16.45 0.77 -15.74
CA TYR B 112 -15.73 1.47 -14.69
C TYR B 112 -16.48 1.40 -13.36
N VAL B 113 -15.75 1.07 -12.30
CA VAL B 113 -16.22 1.20 -10.93
C VAL B 113 -15.36 2.29 -10.26
N VAL B 114 -16.03 3.33 -9.76
CA VAL B 114 -15.38 4.37 -8.97
C VAL B 114 -15.64 4.08 -7.49
N ALA B 115 -14.57 3.72 -6.77
CA ALA B 115 -14.63 3.48 -5.34
C ALA B 115 -14.31 4.78 -4.58
N SER B 116 -15.37 5.45 -4.11
CA SER B 116 -15.22 6.67 -3.32
C SER B 116 -14.14 6.45 -2.26
N HIS B 117 -14.26 5.32 -1.55
CA HIS B 117 -13.24 4.80 -0.66
C HIS B 117 -13.52 3.31 -0.44
N LEU B 118 -12.74 2.66 0.44
CA LEU B 118 -12.78 1.21 0.56
C LEU B 118 -13.34 0.78 1.92
N HIS B 119 -14.19 1.63 2.51
CA HIS B 119 -14.92 1.27 3.73
C HIS B 119 -15.91 0.14 3.43
N LEU B 120 -16.35 -0.53 4.49
CA LEU B 120 -17.11 -1.78 4.40
C LEU B 120 -18.45 -1.56 3.69
N ASP B 121 -18.93 -0.30 3.67
CA ASP B 121 -20.26 0.00 3.16
C ASP B 121 -20.18 0.68 1.78
N HIS B 122 -19.01 0.57 1.13
CA HIS B 122 -18.81 1.20 -0.18
C HIS B 122 -18.06 0.25 -1.14
N ALA B 123 -17.25 -0.65 -0.58
CA ALA B 123 -16.39 -1.53 -1.37
C ALA B 123 -16.81 -2.99 -1.22
N GLY B 124 -18.01 -3.20 -0.67
CA GLY B 124 -18.52 -4.53 -0.34
C GLY B 124 -18.51 -5.50 -1.52
N CYS B 125 -18.86 -5.00 -2.71
CA CYS B 125 -19.16 -5.88 -3.85
C CYS B 125 -18.19 -5.64 -5.01
N LEU B 126 -17.05 -5.00 -4.74
CA LEU B 126 -16.05 -4.72 -5.77
C LEU B 126 -15.69 -6.01 -6.51
N GLU B 127 -15.74 -7.14 -5.80
CA GLU B 127 -15.20 -8.42 -6.25
C GLU B 127 -16.02 -8.97 -7.41
N MET B 128 -17.20 -8.37 -7.67
CA MET B 128 -18.12 -8.83 -8.70
C MET B 128 -17.67 -8.35 -10.08
N PHE B 129 -17.02 -7.18 -10.11
CA PHE B 129 -16.79 -6.44 -11.34
C PHE B 129 -15.38 -6.76 -11.87
N THR B 130 -15.24 -7.99 -12.37
CA THR B 130 -13.98 -8.55 -12.81
C THR B 130 -13.69 -8.12 -14.26
N ASN B 131 -14.67 -7.47 -14.89
CA ASN B 131 -14.54 -7.05 -16.29
C ASN B 131 -14.39 -5.53 -16.36
N ALA B 132 -14.27 -4.90 -15.20
CA ALA B 132 -14.20 -3.44 -15.10
C ALA B 132 -12.79 -2.99 -14.71
N THR B 133 -12.53 -1.70 -14.91
CA THR B 133 -11.39 -1.02 -14.30
C THR B 133 -11.86 -0.35 -13.01
N ILE B 134 -11.32 -0.79 -11.87
CA ILE B 134 -11.66 -0.23 -10.58
C ILE B 134 -10.79 1.01 -10.32
N ILE B 135 -11.45 2.16 -10.22
CA ILE B 135 -10.77 3.43 -9.98
C ILE B 135 -10.87 3.74 -8.48
N VAL B 136 -9.70 3.92 -7.85
CA VAL B 136 -9.59 4.12 -6.42
C VAL B 136 -8.40 5.04 -6.14
N HIS B 137 -8.47 5.79 -5.04
CA HIS B 137 -7.38 6.63 -4.60
C HIS B 137 -6.21 5.73 -4.16
N GLU B 138 -5.00 6.07 -4.61
N GLU B 138 -5.01 6.05 -4.65
CA GLU B 138 -3.82 5.22 -4.39
CA GLU B 138 -3.80 5.27 -4.40
C GLU B 138 -3.56 5.09 -2.89
C GLU B 138 -3.61 5.09 -2.89
N ASP B 139 -3.81 6.17 -2.14
CA ASP B 139 -3.57 6.18 -0.69
C ASP B 139 -4.59 5.28 0.02
N GLU B 140 -5.83 5.28 -0.47
CA GLU B 140 -6.90 4.46 0.09
C GLU B 140 -6.57 2.98 -0.17
N PHE B 141 -6.13 2.69 -1.40
CA PHE B 141 -5.77 1.34 -1.81
C PHE B 141 -4.62 0.83 -0.92
N ASN B 142 -3.57 1.63 -0.81
CA ASN B 142 -2.39 1.30 -0.01
C ASN B 142 -2.84 1.00 1.43
N GLY B 143 -3.67 1.90 1.98
CA GLY B 143 -4.16 1.80 3.35
C GLY B 143 -4.88 0.47 3.59
N ALA B 144 -5.76 0.10 2.66
CA ALA B 144 -6.57 -1.11 2.77
C ALA B 144 -5.67 -2.34 2.69
N LEU B 145 -4.72 -2.32 1.76
CA LEU B 145 -3.83 -3.45 1.52
C LEU B 145 -2.98 -3.69 2.78
N GLN B 146 -2.67 -2.62 3.51
CA GLN B 146 -1.88 -2.72 4.74
C GLN B 146 -2.73 -3.41 5.82
N CYS B 147 -4.00 -3.01 5.92
CA CYS B 147 -4.94 -3.64 6.86
C CYS B 147 -4.96 -5.15 6.63
N TYR B 148 -4.95 -5.54 5.34
CA TYR B 148 -5.00 -6.92 4.93
C TYR B 148 -3.70 -7.62 5.33
N ALA B 149 -2.57 -6.97 5.02
CA ALA B 149 -1.24 -7.54 5.24
C ALA B 149 -0.99 -7.74 6.75
N ARG B 150 -1.54 -6.84 7.55
CA ARG B 150 -1.35 -6.86 9.00
C ARG B 150 -2.44 -7.70 9.67
N ASN B 151 -3.25 -8.38 8.85
CA ASN B 151 -4.27 -9.29 9.32
C ASN B 151 -5.13 -8.60 10.38
N GLN B 152 -5.58 -7.37 10.08
CA GLN B 152 -6.57 -6.67 10.89
C GLN B 152 -7.96 -7.25 10.58
N LYS B 153 -8.65 -7.71 11.63
CA LYS B 153 -9.88 -8.48 11.47
C LYS B 153 -11.08 -7.65 11.94
N GLU B 154 -10.80 -6.49 12.54
CA GLU B 154 -11.82 -5.53 12.92
C GLU B 154 -11.60 -4.24 12.12
N GLY B 155 -12.38 -3.20 12.44
CA GLY B 155 -12.29 -1.91 11.75
C GLY B 155 -13.17 -1.87 10.52
N ALA B 156 -13.03 -0.79 9.74
CA ALA B 156 -13.94 -0.45 8.65
C ALA B 156 -13.47 -1.06 7.33
N TYR B 157 -12.32 -1.75 7.38
CA TYR B 157 -11.76 -2.41 6.21
C TYR B 157 -11.83 -3.93 6.41
N ILE B 158 -12.71 -4.57 5.64
CA ILE B 158 -13.08 -5.98 5.81
C ILE B 158 -12.04 -6.87 5.13
N TRP B 159 -11.33 -7.65 5.96
CA TRP B 159 -10.25 -8.52 5.52
C TRP B 159 -10.73 -9.43 4.38
N ALA B 160 -11.91 -10.04 4.57
CA ALA B 160 -12.44 -11.04 3.65
C ALA B 160 -12.79 -10.41 2.30
N ASP B 161 -13.25 -9.15 2.34
CA ASP B 161 -13.58 -8.41 1.13
C ASP B 161 -12.30 -8.22 0.30
N ILE B 162 -11.25 -7.70 0.96
CA ILE B 162 -9.97 -7.43 0.30
C ILE B 162 -9.42 -8.74 -0.28
N ASP B 163 -9.53 -9.81 0.51
CA ASP B 163 -9.10 -11.14 0.11
C ASP B 163 -9.70 -11.49 -1.26
N ALA B 164 -11.01 -11.25 -1.39
CA ALA B 164 -11.76 -11.63 -2.59
C ALA B 164 -11.33 -10.77 -3.79
N TRP B 165 -11.04 -9.49 -3.54
CA TRP B 165 -10.59 -8.59 -4.60
C TRP B 165 -9.37 -9.21 -5.30
N ILE B 166 -8.42 -9.67 -4.48
CA ILE B 166 -7.13 -10.16 -4.97
C ILE B 166 -7.33 -11.49 -5.70
N LYS B 167 -8.15 -12.38 -5.13
CA LYS B 167 -8.38 -13.71 -5.69
C LYS B 167 -9.14 -13.58 -7.02
N ASN B 168 -10.02 -12.57 -7.12
CA ASN B 168 -10.85 -12.37 -8.30
C ASN B 168 -10.08 -11.57 -9.36
N ASN B 169 -8.86 -11.14 -9.02
CA ASN B 169 -7.93 -10.54 -9.95
C ASN B 169 -8.54 -9.27 -10.56
N LEU B 170 -9.01 -8.37 -9.70
CA LEU B 170 -9.58 -7.09 -10.14
C LEU B 170 -8.48 -6.27 -10.82
N GLN B 171 -8.90 -5.41 -11.77
CA GLN B 171 -7.99 -4.54 -12.51
C GLN B 171 -8.11 -3.12 -11.93
N TRP B 172 -7.01 -2.65 -11.33
CA TRP B 172 -6.99 -1.40 -10.57
C TRP B 172 -6.37 -0.27 -11.39
N ARG B 173 -6.99 0.91 -11.31
CA ARG B 173 -6.41 2.15 -11.76
C ARG B 173 -6.43 3.13 -10.57
N THR B 174 -5.27 3.36 -9.97
CA THR B 174 -5.16 4.20 -8.79
C THR B 174 -5.04 5.66 -9.21
N VAL B 175 -5.74 6.52 -8.49
CA VAL B 175 -5.64 7.96 -8.64
C VAL B 175 -4.51 8.44 -7.73
N LYS B 176 -3.48 9.05 -8.35
CA LYS B 176 -2.29 9.49 -7.63
C LYS B 176 -2.66 10.68 -6.74
N ARG B 177 -1.90 10.84 -5.65
CA ARG B 177 -2.18 11.83 -4.61
C ARG B 177 -2.39 13.21 -5.23
N HIS B 178 -1.50 13.60 -6.15
CA HIS B 178 -1.51 14.93 -6.74
C HIS B 178 -1.94 14.86 -8.21
N GLU B 179 -2.85 13.94 -8.52
CA GLU B 179 -3.36 13.77 -9.87
C GLU B 179 -4.63 14.61 -10.06
N ASP B 180 -4.70 15.30 -11.19
CA ASP B 180 -5.85 16.12 -11.57
C ASP B 180 -7.10 15.24 -11.58
N ASN B 181 -8.26 15.89 -11.70
CA ASN B 181 -9.53 15.22 -11.92
C ASN B 181 -9.43 14.45 -13.25
N ILE B 182 -10.22 13.38 -13.37
CA ILE B 182 -10.16 12.48 -14.52
C ILE B 182 -11.49 12.54 -15.27
N LEU B 183 -11.43 12.85 -16.57
CA LEU B 183 -12.58 12.75 -17.45
C LEU B 183 -12.76 11.27 -17.83
N LEU B 184 -13.73 10.63 -17.18
CA LEU B 184 -14.02 9.22 -17.35
C LEU B 184 -14.84 9.03 -18.63
N ALA B 185 -15.69 10.02 -18.92
CA ALA B 185 -16.55 10.05 -20.10
C ALA B 185 -17.18 11.44 -20.23
N GLU B 186 -17.88 11.67 -21.33
CA GLU B 186 -18.52 12.96 -21.57
C GLU B 186 -19.46 13.28 -20.41
N GLY B 187 -19.14 14.38 -19.70
CA GLY B 187 -19.98 14.89 -18.62
C GLY B 187 -19.79 14.12 -17.32
N VAL B 188 -18.76 13.26 -17.27
CA VAL B 188 -18.46 12.45 -16.09
C VAL B 188 -16.99 12.66 -15.70
N LYS B 189 -16.78 13.20 -14.51
CA LYS B 189 -15.47 13.56 -14.01
C LYS B 189 -15.26 12.97 -12.61
N VAL B 190 -14.16 12.24 -12.43
CA VAL B 190 -13.75 11.74 -11.12
C VAL B 190 -13.02 12.88 -10.38
N LEU B 191 -13.51 13.21 -9.19
CA LEU B 191 -12.94 14.27 -8.37
C LEU B 191 -11.98 13.66 -7.33
N ASN B 192 -10.74 14.15 -7.33
CA ASN B 192 -9.72 13.72 -6.39
C ASN B 192 -9.79 14.61 -5.14
N PHE B 193 -10.49 14.13 -4.12
CA PHE B 193 -10.69 14.88 -2.87
C PHE B 193 -9.46 14.73 -1.98
N GLY B 194 -8.79 13.57 -2.09
CA GLY B 194 -7.63 13.24 -1.25
C GLY B 194 -8.06 12.83 0.14
N SER B 195 -7.12 12.96 1.10
CA SER B 195 -7.32 12.52 2.46
C SER B 195 -8.34 13.43 3.17
N GLY B 196 -9.14 12.81 4.04
CA GLY B 196 -10.16 13.50 4.82
C GLY B 196 -10.89 12.52 5.73
N HIS B 197 -12.11 12.15 5.32
CA HIS B 197 -12.88 11.12 5.99
C HIS B 197 -12.02 9.86 6.12
N ALA B 198 -11.36 9.48 5.02
CA ALA B 198 -10.48 8.32 4.97
C ALA B 198 -9.15 8.71 4.30
N TRP B 199 -8.31 7.71 4.02
CA TRP B 199 -6.97 7.93 3.46
C TRP B 199 -7.07 8.66 2.11
N GLY B 200 -8.00 8.21 1.26
CA GLY B 200 -8.15 8.75 -0.09
C GLY B 200 -9.58 8.68 -0.57
N MET B 201 -10.19 9.86 -0.76
CA MET B 201 -11.59 9.98 -1.15
C MET B 201 -11.69 10.40 -2.61
N LEU B 202 -12.59 9.75 -3.35
CA LEU B 202 -12.94 10.14 -4.72
C LEU B 202 -14.41 10.56 -4.76
N GLY B 203 -14.71 11.56 -5.59
CA GLY B 203 -16.06 11.95 -5.89
C GLY B 203 -16.34 11.86 -7.39
N LEU B 204 -17.59 12.11 -7.76
CA LEU B 204 -17.99 12.23 -9.16
C LEU B 204 -18.65 13.58 -9.37
N HIS B 205 -18.32 14.23 -10.50
CA HIS B 205 -19.13 15.30 -11.02
C HIS B 205 -19.76 14.83 -12.34
N VAL B 206 -21.10 14.82 -12.37
CA VAL B 206 -21.88 14.37 -13.50
C VAL B 206 -22.65 15.57 -14.05
N GLU B 207 -22.53 15.78 -15.36
CA GLU B 207 -23.27 16.83 -16.06
C GLU B 207 -24.31 16.17 -16.96
N LEU B 208 -25.58 16.26 -16.55
CA LEU B 208 -26.71 15.67 -17.26
C LEU B 208 -27.41 16.74 -18.09
N PRO B 209 -27.71 16.48 -19.38
CA PRO B 209 -28.36 17.45 -20.24
C PRO B 209 -29.65 18.07 -19.67
N GLU B 210 -30.48 17.24 -19.02
N GLU B 210 -30.46 17.25 -19.01
CA GLU B 210 -31.78 17.67 -18.51
CA GLU B 210 -31.78 17.67 -18.52
C GLU B 210 -31.65 18.11 -17.05
C GLU B 210 -31.69 18.08 -17.05
N THR B 211 -31.03 17.26 -16.23
CA THR B 211 -30.98 17.47 -14.77
C THR B 211 -29.93 18.51 -14.41
N GLY B 212 -28.84 18.56 -15.19
CA GLY B 212 -27.73 19.47 -14.93
C GLY B 212 -26.62 18.80 -14.14
N GLY B 213 -25.96 19.58 -13.28
CA GLY B 213 -24.78 19.14 -12.54
C GLY B 213 -25.15 18.42 -11.25
N ILE B 214 -24.43 17.31 -11.00
CA ILE B 214 -24.57 16.53 -9.77
C ILE B 214 -23.17 16.16 -9.26
N ILE B 215 -22.94 16.43 -7.97
CA ILE B 215 -21.73 16.02 -7.30
C ILE B 215 -22.06 14.86 -6.34
N LEU B 216 -21.40 13.72 -6.55
CA LEU B 216 -21.47 12.61 -5.63
C LEU B 216 -20.32 12.74 -4.63
N ALA B 217 -20.66 13.13 -3.40
CA ALA B 217 -19.68 13.46 -2.37
C ALA B 217 -19.28 12.21 -1.59
N SER B 218 -20.18 11.23 -1.55
CA SER B 218 -19.99 10.05 -0.71
C SER B 218 -19.75 10.51 0.74
N ASP B 219 -18.77 9.91 1.40
CA ASP B 219 -18.55 10.12 2.83
C ASP B 219 -17.70 11.37 3.07
N ALA B 220 -17.40 12.11 2.00
CA ALA B 220 -16.79 13.43 2.13
C ALA B 220 -17.75 14.35 2.90
N ILE B 221 -19.05 14.08 2.72
CA ILE B 221 -20.12 14.79 3.43
C ILE B 221 -21.23 13.79 3.76
N TYR B 222 -21.33 13.42 5.03
CA TYR B 222 -22.30 12.43 5.50
C TYR B 222 -23.72 12.90 5.20
N THR B 223 -24.06 14.11 5.66
CA THR B 223 -25.44 14.61 5.65
C THR B 223 -25.45 16.13 5.48
N ALA B 224 -26.66 16.68 5.36
CA ALA B 224 -26.89 18.10 5.23
C ALA B 224 -26.43 18.82 6.50
N GLU B 225 -26.51 18.11 7.63
CA GLU B 225 -26.08 18.62 8.93
C GLU B 225 -24.55 18.78 8.93
N SER B 226 -23.86 17.80 8.33
CA SER B 226 -22.42 17.85 8.18
C SER B 226 -22.03 19.07 7.33
N TYR B 227 -22.86 19.33 6.31
CA TYR B 227 -22.57 20.30 5.25
C TYR B 227 -22.69 21.73 5.79
N GLY B 228 -23.71 21.95 6.64
CA GLY B 228 -24.02 23.28 7.15
C GLY B 228 -24.31 24.25 6.01
N PRO B 229 -23.64 25.40 6.02
CA PRO B 229 -22.70 25.76 7.07
C PRO B 229 -23.40 26.08 8.38
N PRO B 230 -22.67 26.00 9.49
CA PRO B 230 -21.26 25.63 9.49
C PRO B 230 -21.04 24.12 9.39
N ILE B 231 -19.80 23.72 9.06
CA ILE B 231 -19.43 22.32 8.93
C ILE B 231 -19.45 21.67 10.32
N LYS B 232 -20.15 20.53 10.41
CA LYS B 232 -20.15 19.70 11.60
C LYS B 232 -19.46 18.37 11.27
N PRO B 233 -18.16 18.23 11.62
CA PRO B 233 -17.38 17.06 11.21
C PRO B 233 -17.79 15.76 11.90
N PRO B 234 -17.47 14.60 11.29
CA PRO B 234 -17.79 13.29 11.87
C PRO B 234 -16.95 12.94 13.11
N GLY B 235 -17.36 11.86 13.80
CA GLY B 235 -16.80 11.46 15.08
C GLY B 235 -15.34 11.07 14.99
N ILE B 236 -15.02 10.19 14.03
CA ILE B 236 -13.63 9.84 13.74
C ILE B 236 -13.30 10.26 12.31
N ILE B 237 -12.16 10.95 12.20
CA ILE B 237 -11.64 11.47 10.95
C ILE B 237 -10.22 10.95 10.80
N TYR B 238 -9.75 10.77 9.56
CA TYR B 238 -8.35 10.47 9.33
C TYR B 238 -7.56 11.79 9.23
N ASP B 239 -8.02 12.68 8.36
CA ASP B 239 -7.37 13.96 8.08
C ASP B 239 -8.39 15.08 8.24
N SER B 240 -8.42 15.68 9.44
CA SER B 240 -9.42 16.69 9.79
C SER B 240 -9.29 17.91 8.88
N LEU B 241 -8.05 18.38 8.68
CA LEU B 241 -7.78 19.53 7.83
C LEU B 241 -8.25 19.22 6.40
N GLY B 242 -7.84 18.07 5.87
CA GLY B 242 -8.23 17.61 4.55
C GLY B 242 -9.73 17.51 4.41
N TYR B 243 -10.40 17.08 5.49
CA TYR B 243 -11.84 16.89 5.49
C TYR B 243 -12.55 18.24 5.32
N MET B 244 -12.10 19.23 6.10
CA MET B 244 -12.71 20.56 6.10
C MET B 244 -12.50 21.22 4.74
N ASN B 245 -11.28 21.11 4.21
CA ASN B 245 -10.93 21.69 2.91
C ASN B 245 -11.83 21.08 1.83
N THR B 246 -12.03 19.76 1.90
CA THR B 246 -12.76 19.02 0.88
C THR B 246 -14.22 19.50 0.85
N VAL B 247 -14.83 19.67 2.03
CA VAL B 247 -16.22 20.10 2.14
C VAL B 247 -16.39 21.46 1.48
N GLU B 248 -15.50 22.40 1.84
CA GLU B 248 -15.56 23.77 1.32
C GLU B 248 -15.25 23.76 -0.18
N ARG B 249 -14.42 22.82 -0.61
CA ARG B 249 -14.09 22.66 -2.02
C ARG B 249 -15.35 22.24 -2.78
N ILE B 250 -16.12 21.33 -2.17
CA ILE B 250 -17.35 20.81 -2.76
C ILE B 250 -18.38 21.94 -2.83
N ARG B 251 -18.46 22.75 -1.77
CA ARG B 251 -19.39 23.87 -1.71
C ARG B 251 -19.09 24.85 -2.87
N ARG B 252 -17.81 25.11 -3.08
CA ARG B 252 -17.36 26.07 -4.10
C ARG B 252 -17.74 25.55 -5.49
N ILE B 253 -17.38 24.30 -5.78
CA ILE B 253 -17.66 23.67 -7.05
C ILE B 253 -19.16 23.70 -7.32
N ALA B 254 -19.94 23.43 -6.27
CA ALA B 254 -21.41 23.39 -6.35
C ALA B 254 -21.92 24.76 -6.83
N GLN B 255 -21.37 25.83 -6.23
N GLN B 255 -21.39 25.83 -6.23
CA GLN B 255 -21.79 27.20 -6.50
CA GLN B 255 -21.82 27.20 -6.52
C GLN B 255 -21.35 27.61 -7.92
C GLN B 255 -21.37 27.60 -7.93
N GLU B 256 -20.16 27.17 -8.32
CA GLU B 256 -19.54 27.60 -9.58
C GLU B 256 -20.18 26.87 -10.77
N THR B 257 -20.75 25.69 -10.54
CA THR B 257 -21.28 24.87 -11.64
C THR B 257 -22.79 24.67 -11.49
N LYS B 258 -23.38 25.29 -10.47
CA LYS B 258 -24.81 25.18 -10.20
C LYS B 258 -25.19 23.69 -10.11
N SER B 259 -24.48 22.96 -9.25
CA SER B 259 -24.68 21.51 -9.10
C SER B 259 -25.34 21.20 -7.75
N GLN B 260 -26.18 20.15 -7.74
CA GLN B 260 -26.69 19.56 -6.51
C GLN B 260 -25.56 18.76 -5.86
N VAL B 261 -25.59 18.67 -4.53
CA VAL B 261 -24.65 17.85 -3.78
C VAL B 261 -25.41 16.67 -3.17
N TRP B 262 -25.03 15.46 -3.58
CA TRP B 262 -25.61 14.23 -3.06
C TRP B 262 -24.70 13.67 -1.96
N PHE B 263 -25.19 13.73 -0.73
CA PHE B 263 -24.46 13.30 0.45
C PHE B 263 -24.40 11.77 0.49
N GLY B 264 -23.54 11.24 1.37
CA GLY B 264 -23.28 9.81 1.46
C GLY B 264 -24.42 9.06 2.11
N HIS B 265 -24.93 9.59 3.22
CA HIS B 265 -25.88 8.86 4.07
C HIS B 265 -26.91 9.81 4.69
N ASP B 266 -27.54 10.65 3.87
CA ASP B 266 -28.56 11.59 4.34
C ASP B 266 -29.95 10.97 4.11
N ALA B 267 -30.60 10.60 5.21
CA ALA B 267 -31.88 9.90 5.17
C ALA B 267 -32.94 10.74 4.45
N GLU B 268 -33.01 12.03 4.80
N GLU B 268 -33.02 12.02 4.82
CA GLU B 268 -34.02 12.94 4.28
CA GLU B 268 -34.04 12.93 4.27
C GLU B 268 -33.82 13.14 2.78
C GLU B 268 -33.81 13.09 2.75
N GLN B 269 -32.58 13.43 2.37
CA GLN B 269 -32.24 13.65 0.97
C GLN B 269 -32.55 12.40 0.16
N PHE B 270 -32.24 11.22 0.74
CA PHE B 270 -32.35 9.95 0.05
C PHE B 270 -33.82 9.64 -0.25
N LYS B 271 -34.70 10.00 0.68
CA LYS B 271 -36.15 9.77 0.55
C LYS B 271 -36.67 10.50 -0.69
N LYS B 272 -36.02 11.62 -1.04
CA LYS B 272 -36.48 12.51 -2.10
C LYS B 272 -35.90 12.08 -3.46
N PHE B 273 -34.90 11.19 -3.43
CA PHE B 273 -34.31 10.66 -4.66
C PHE B 273 -35.33 9.78 -5.38
N ARG B 274 -35.25 9.79 -6.71
CA ARG B 274 -35.98 8.88 -7.57
C ARG B 274 -35.10 7.64 -7.78
N LYS B 275 -35.46 6.52 -7.11
CA LYS B 275 -34.65 5.32 -7.09
C LYS B 275 -34.89 4.48 -8.35
N SER B 276 -34.14 3.39 -8.48
CA SER B 276 -34.07 2.58 -9.69
C SER B 276 -35.37 1.81 -9.91
N THR B 277 -36.25 1.82 -8.89
CA THR B 277 -37.54 1.13 -8.98
C THR B 277 -38.59 2.06 -9.60
N GLU B 278 -38.25 3.35 -9.73
CA GLU B 278 -39.19 4.37 -10.17
C GLU B 278 -38.65 5.09 -11.41
N GLY B 279 -37.33 5.13 -11.58
CA GLY B 279 -36.75 5.72 -12.78
C GLY B 279 -35.31 6.15 -12.60
N TYR B 280 -34.96 7.28 -13.23
CA TYR B 280 -33.59 7.70 -13.45
C TYR B 280 -33.52 9.21 -13.66
N TYR B 281 -32.30 9.73 -13.77
CA TYR B 281 -32.04 11.13 -14.07
C TYR B 281 -31.35 11.24 -15.44
N GLU B 282 -31.85 12.15 -16.27
N GLU B 282 -31.89 12.01 -16.44
CA GLU B 282 -31.29 12.42 -17.59
CA GLU B 282 -31.33 12.35 -17.78
C GLU B 282 -30.69 13.84 -17.61
C GLU B 282 -30.79 13.79 -17.75
CO CO C . 17.16 -3.92 -5.05
S SO4 D . 21.11 12.62 8.14
O1 SO4 D . 20.87 11.19 8.48
O2 SO4 D . 22.49 12.99 8.53
O3 SO4 D . 20.14 13.46 8.86
O4 SO4 D . 20.94 12.80 6.67
S SO4 E . 12.44 -11.38 20.77
O1 SO4 E . 12.70 -12.29 21.92
O2 SO4 E . 12.94 -10.03 21.11
O3 SO4 E . 10.99 -11.33 20.51
O4 SO4 E . 13.14 -11.90 19.58
C1 HL4 F . 18.65 -6.99 -8.17
C2 HL4 F . 19.04 -5.97 -7.30
C4 HL4 F . 20.98 -6.96 -7.63
C5 HL4 F . 19.92 -7.80 -8.35
O6 HL4 F . 18.33 -4.98 -7.11
N7 HL4 F . 18.24 -6.41 -9.46
C8 HL4 F . 16.97 -6.01 -9.67
O9 HL4 F . 16.07 -6.10 -8.85
C10 HL4 F . 16.73 -5.42 -11.06
C11 HL4 F . 17.20 -3.97 -11.09
C13 HL4 F . 16.19 -3.08 -10.34
OAP HL4 F . 20.25 -6.17 -6.70
C1 EDO G . 34.63 1.77 1.01
O1 EDO G . 33.72 2.78 0.57
C2 EDO G . 35.09 2.11 2.41
O2 EDO G . 34.23 3.13 2.94
C1 EDO H . 5.80 -10.14 18.61
O1 EDO H . 5.20 -11.11 17.75
C2 EDO H . 6.66 -9.18 17.79
O2 EDO H . 6.58 -7.86 18.33
C1 EDO I . 12.19 -7.25 -14.33
O1 EDO I . 11.48 -7.13 -15.57
C2 EDO I . 12.09 -5.95 -13.54
O2 EDO I . 13.27 -5.77 -12.75
C1 EDO J . 37.88 3.72 14.84
O1 EDO J . 37.74 4.69 13.79
C2 EDO J . 37.84 4.41 16.20
O2 EDO J . 36.77 3.88 16.98
C1 EDO K . 36.29 -2.37 2.19
O1 EDO K . 35.49 -1.19 1.99
C2 EDO K . 35.95 -3.03 3.52
O2 EDO K . 35.46 -2.03 4.42
C1 EDO L . 17.19 -22.11 -3.66
O1 EDO L . 16.56 -21.41 -4.73
C2 EDO L . 18.51 -22.74 -4.15
O2 EDO L . 19.15 -21.87 -5.08
C1 EDO M . 3.52 0.19 11.75
O1 EDO M . 4.02 0.76 10.53
C2 EDO M . 3.21 1.29 12.74
O2 EDO M . 2.65 2.40 12.04
OH2 1PE N . 29.25 -24.72 18.15
C12 1PE N . 29.96 -23.51 18.48
C22 1PE N . 29.38 -22.34 17.70
OH3 1PE N . 28.89 -21.36 18.61
C13 1PE N . 29.24 -18.97 18.71
C23 1PE N . 28.58 -20.12 17.96
OH4 1PE N . 28.96 -17.73 18.05
C14 1PE N . 30.41 -15.80 18.31
C24 1PE N . 30.16 -17.12 17.57
OH5 1PE N . 30.41 -16.01 19.73
C15 1PE N . 29.65 -14.45 21.43
C25 1PE N . 30.75 -14.81 20.44
OH6 1PE N . 29.72 -13.07 21.79
C16 1PE N . 28.68 -10.90 21.63
C26 1PE N . 28.48 -12.41 21.63
OH7 1PE N . 27.46 -10.23 21.96
OH2 1PE O . 24.07 -14.97 20.63
C12 1PE O . 23.39 -15.80 21.57
C22 1PE O . 22.40 -16.72 20.86
OH3 1PE O . 21.33 -17.05 21.75
C13 1PE O . 19.46 -15.78 22.56
C23 1PE O . 20.10 -16.47 21.36
OH4 1PE O . 18.11 -15.43 22.25
C14 1PE O . 18.05 -13.19 23.16
C24 1PE O . 17.97 -14.06 21.90
OH5 1PE O . 18.56 -11.90 22.82
C15 1PE O . 20.46 -10.44 22.96
C25 1PE O . 19.65 -11.53 23.65
OH6 1PE O . 21.58 -11.02 22.28
C16 1PE O . 23.80 -10.25 22.80
C26 1PE O . 22.69 -11.22 23.15
OH7 1PE O . 24.49 -9.86 24.00
FE FE P . 19.84 -6.13 -4.48
C ACT Q . 34.00 -15.75 -5.08
O ACT Q . 33.67 -16.49 -4.12
OXT ACT Q . 33.15 -15.12 -5.76
CH3 ACT Q . 35.45 -15.59 -5.40
C1 PGE R . 23.80 9.77 10.23
O1 PGE R . 22.51 10.25 10.65
C2 PGE R . 24.39 8.84 11.28
O2 PGE R . 24.70 9.57 12.47
C3 PGE R . 24.93 8.72 13.59
C4 PGE R . 25.51 9.53 14.75
O4 PGE R . 21.41 10.06 17.13
C6 PGE R . 22.80 10.40 17.03
C5 PGE R . 23.37 9.88 15.71
O3 PGE R . 24.68 9.36 15.91
C1 PGE S . 10.84 4.76 18.15
O1 PGE S . 10.16 5.42 19.24
C2 PGE S . 11.72 3.64 18.69
O2 PGE S . 12.08 2.75 17.63
C3 PGE S . 12.03 1.38 18.02
C4 PGE S . 11.11 0.62 17.08
O4 PGE S . 7.09 1.36 17.07
C6 PGE S . 7.62 0.16 17.68
C5 PGE S . 8.91 -0.25 16.99
O3 PGE S . 10.03 0.05 17.82
CO CO T . -16.62 5.77 4.96
S SO4 U . -11.59 21.54 -8.77
O1 SO4 U . -11.34 21.59 -7.31
O2 SO4 U . -10.31 21.64 -9.50
O3 SO4 U . -12.25 20.26 -9.11
O4 SO4 U . -12.47 22.67 -9.15
S SO4 V . 4.16 14.67 -0.35
O1 SO4 V . 4.25 15.96 0.37
O2 SO4 V . 4.76 13.61 0.48
O3 SO4 V . 2.73 14.35 -0.61
O4 SO4 V . 4.89 14.78 -1.64
S SO4 W . -17.02 -3.56 -20.78
O1 SO4 W . -17.55 -4.11 -19.51
O2 SO4 W . -15.58 -3.28 -20.63
O3 SO4 W . -17.23 -4.55 -21.87
O4 SO4 W . -17.73 -2.31 -21.12
C1 HL4 X . -19.40 4.22 8.12
C2 HL4 X . -19.19 5.15 7.11
C4 HL4 X . -21.42 5.11 7.21
C5 HL4 X . -20.88 4.29 8.37
O6 HL4 X . -18.08 5.31 6.61
N7 HL4 X . -18.65 4.63 9.32
C8 HL4 X . -17.44 4.14 9.59
O9 HL4 X . -16.85 3.32 8.90
C10 HL4 X . -16.80 4.69 10.88
C11 HL4 X . -15.29 4.75 10.71
C13 HL4 X . -14.91 6.06 10.01
OAP HL4 X . -20.29 5.88 6.76
C1 EDO Y . -28.70 19.79 -3.21
O1 EDO Y . -27.51 20.58 -3.34
C2 EDO Y . -28.94 19.52 -1.74
O2 EDO Y . -27.74 19.76 -1.01
C1 EDO Z . -10.78 -6.20 -17.54
O1 EDO Z . -10.16 -7.46 -17.79
C2 EDO Z . -10.39 -5.20 -18.62
O2 EDO Z . -10.03 -3.95 -18.03
C1 EDO AA . 3.66 2.80 -4.44
O1 EDO AA . 4.19 3.23 -3.18
C2 EDO AA . 2.16 2.57 -4.31
O2 EDO AA . 1.50 3.81 -4.04
C1 EDO BA . -30.52 22.47 -17.22
O1 EDO BA . -29.24 21.95 -17.57
C2 EDO BA . -30.38 23.55 -16.16
O2 EDO BA . -29.97 22.96 -14.92
C1 EDO CA . -26.61 25.16 -5.82
O1 EDO CA . -27.28 25.28 -7.09
C2 EDO CA . -25.43 26.11 -5.77
O2 EDO CA . -25.28 26.63 -4.44
C1 EDO DA . -13.93 1.41 13.26
O1 EDO DA . -13.96 2.65 12.54
C2 EDO DA . -13.28 1.62 14.62
O2 EDO DA . -13.49 0.47 15.45
C1 EDO EA . -27.85 -9.25 5.67
O1 EDO EA . -28.12 -7.85 5.83
C2 EDO EA . -26.91 -9.46 4.48
O2 EDO EA . -25.56 -9.58 4.95
C1 EDO FA . -10.69 5.06 7.37
O1 EDO FA . -10.93 5.45 8.73
C2 EDO FA . -9.61 5.94 6.76
O2 EDO FA . -8.32 5.53 7.22
OH2 1PE GA . -37.37 -8.05 -14.66
C12 1PE GA . -38.15 -7.48 -15.72
C22 1PE GA . -37.54 -7.89 -17.07
OH3 1PE GA . -37.37 -6.74 -17.88
C13 1PE GA . -35.80 -5.79 -19.46
C23 1PE GA . -36.00 -6.43 -18.08
OH4 1PE GA . -34.64 -4.95 -19.45
C14 1PE GA . -33.22 -3.40 -20.63
C24 1PE GA . -34.50 -4.24 -20.67
OH5 1PE GA . -33.43 -2.24 -19.84
C15 1PE GA . -35.10 -0.86 -20.91
C25 1PE GA . -33.62 -1.07 -20.63
OH6 1PE GA . -35.28 -0.22 -22.17
C16 1PE GA . -33.17 0.45 -23.12
C26 1PE GA . -34.27 -0.59 -23.11
OH7 1PE GA . -31.91 -0.14 -22.78
OH2 1PE HA . -4.94 3.45 -16.58
C12 1PE HA . -5.01 4.58 -17.46
C22 1PE HA . -6.46 5.01 -17.61
OH3 1PE HA . -7.33 3.89 -17.47
C13 1PE HA . -9.00 5.41 -16.61
C23 1PE HA . -8.70 4.25 -17.57
OH4 1PE HA . -9.93 6.31 -17.20
C14 1PE HA . -9.51 8.29 -18.52
C24 1PE HA . -9.51 6.76 -18.49
OH5 1PE HA . -8.17 8.76 -18.52
C15 1PE HA . -6.39 9.10 -20.13
C25 1PE HA . -7.83 9.43 -19.73
OH6 1PE HA . -5.59 8.92 -18.96
C16 1PE HA . -4.42 10.04 -17.16
C26 1PE HA . -5.62 10.06 -18.12
OH7 1PE HA . -3.22 9.78 -17.90
FE FE IA . -20.09 5.26 4.42
C ACT JA . -1.95 2.44 -12.26
O ACT JA . -0.82 2.86 -11.92
OXT ACT JA . -2.25 2.27 -13.46
CH3 ACT JA . -2.95 2.12 -11.20
C ACT KA . -37.16 4.36 5.18
O ACT KA . -36.13 4.31 5.89
OXT ACT KA . -37.35 3.56 4.24
CH3 ACT KA . -38.20 5.40 5.46
C1 PGE LA . -18.45 16.95 -15.94
O1 PGE LA . -17.46 17.39 -16.87
C2 PGE LA . -18.64 18.01 -14.85
O2 PGE LA . -19.23 19.18 -15.41
C3 PGE LA . -18.64 20.38 -14.91
C4 PGE LA . -17.13 20.36 -15.14
O4 PGE LA . -14.98 19.97 -11.04
C6 PGE LA . -15.73 20.95 -11.76
C5 PGE LA . -16.58 20.28 -12.84
O3 PGE LA . -16.46 21.01 -14.06
C1 PGE MA . -8.27 10.57 14.49
O1 PGE MA . -8.28 9.23 13.97
C2 PGE MA . -9.62 10.86 15.16
O2 PGE MA . -9.83 12.26 15.19
C3 PGE MA . -10.70 12.66 16.26
C4 PGE MA . -11.99 13.22 15.68
O4 PGE MA . -12.86 17.65 14.57
C6 PGE MA . -12.82 16.35 13.96
C5 PGE MA . -12.96 15.27 15.02
O3 PGE MA . -11.76 14.50 15.11
#